data_2I71
#
_entry.id   2I71
#
_cell.length_a   78.849
_cell.length_b   84.918
_cell.length_c   108.513
_cell.angle_alpha   90.00
_cell.angle_beta   90.00
_cell.angle_gamma   90.00
#
_symmetry.space_group_name_H-M   'P 21 21 21'
#
loop_
_entity.id
_entity.type
_entity.pdbx_description
1 polymer 'Hypothetical protein'
2 non-polymer 'MAGNESIUM ION'
3 water water
#
_entity_poly.entity_id   1
_entity_poly.type   'polypeptide(L)'
_entity_poly.pdbx_seq_one_letter_code
;(MSE)GSSHHHHHHSSGRENLYFQG(MSE)ASIVFSTIGNPKGYQKVTYEIDGEKFESNVSVLALRDLLKVDKTVVILGI
SVADVYNCKYADYRSCKECIIQNSKNDLGISESYVVAPNVYQKFKGKPDHYFTYIYYHSLRILEKEGINEVFIDTTHGIN
Y(MSE)GVLAKEAIQLAVSAYAAKSEKEVKVSLYNSDPVGKDVSDTVKLHEIEAIKISPLSGLKYVTYQILNKDKNFFNK
IFSDSVNAIPRFATALDNGLFIYLSEKDSSLHLKRLEDDLSKDPLLTPSENEINVVYKD(MSE)KYALSHALFYVISRFS
GNVDLDTLRHYAETYADKVTRAIIENEVDKIEKYQ(MSE)GSERKLLGEY(MSE)KVEGKGFDKRILYAHGGLPYAGTYV
YKEKDKVYVTYGDKIDEIERQIGS
;
_entity_poly.pdbx_strand_id   A,B
#
# COMPACT_ATOMS: atom_id res chain seq x y z
N PHE A 19 -2.49 -5.96 -1.02
CA PHE A 19 -1.06 -5.62 -1.15
C PHE A 19 -0.84 -4.12 -1.35
N GLN A 20 0.32 -3.67 -0.91
CA GLN A 20 0.58 -2.26 -0.85
C GLN A 20 1.91 -1.99 -1.62
N GLY A 21 3.05 -2.15 -0.94
CA GLY A 21 4.32 -2.11 -1.66
C GLY A 21 5.20 -0.90 -1.43
N ALA A 23 8.34 -0.57 -3.28
CA ALA A 23 9.34 -0.85 -4.30
C ALA A 23 9.84 0.47 -4.91
N SER A 24 11.08 0.44 -5.41
CA SER A 24 11.67 1.64 -6.05
C SER A 24 11.85 1.41 -7.55
N ILE A 25 11.83 2.50 -8.31
CA ILE A 25 11.88 2.37 -9.76
C ILE A 25 12.62 3.57 -10.28
N VAL A 26 13.39 3.36 -11.33
CA VAL A 26 14.04 4.46 -12.01
C VAL A 26 13.57 4.50 -13.48
N PHE A 27 13.10 5.69 -13.90
CA PHE A 27 12.75 5.99 -15.32
C PHE A 27 13.90 6.76 -15.93
N SER A 28 14.39 6.32 -17.10
CA SER A 28 15.56 6.99 -17.69
C SER A 28 15.28 7.37 -19.14
N THR A 29 15.48 8.66 -19.47
CA THR A 29 15.31 9.10 -20.88
C THR A 29 16.64 8.81 -21.61
N ILE A 30 16.57 7.94 -22.63
CA ILE A 30 17.79 7.57 -23.37
C ILE A 30 17.70 8.06 -24.82
N GLY A 31 18.64 8.92 -25.20
CA GLY A 31 18.55 9.50 -26.53
C GLY A 31 19.14 8.62 -27.64
N ASN A 32 20.01 7.70 -27.26
CA ASN A 32 20.77 6.86 -28.20
C ASN A 32 20.70 5.45 -27.71
N PRO A 33 19.97 4.58 -28.42
CA PRO A 33 19.71 3.25 -27.87
C PRO A 33 20.94 2.36 -27.94
N LYS A 34 21.99 2.85 -28.61
CA LYS A 34 23.31 2.18 -28.66
C LYS A 34 24.08 2.35 -27.37
N GLY A 35 23.63 3.27 -26.50
CA GLY A 35 24.38 3.53 -25.28
C GLY A 35 25.55 4.48 -25.52
N TYR A 36 26.42 4.58 -24.53
CA TYR A 36 27.41 5.66 -24.47
C TYR A 36 28.78 5.13 -24.09
N GLN A 37 29.80 5.95 -24.31
CA GLN A 37 31.13 5.63 -23.79
C GLN A 37 31.06 5.19 -22.30
N LYS A 38 31.79 4.14 -21.93
CA LYS A 38 31.87 3.71 -20.52
C LYS A 38 32.48 4.80 -19.66
N VAL A 39 31.82 5.13 -18.56
CA VAL A 39 32.39 6.09 -17.60
C VAL A 39 32.16 5.56 -16.20
N THR A 40 32.90 6.12 -15.24
CA THR A 40 32.76 5.72 -13.83
C THR A 40 31.84 6.76 -13.17
N TYR A 41 30.58 6.36 -12.95
CA TYR A 41 29.64 7.18 -12.21
C TYR A 41 29.91 7.09 -10.73
N GLU A 42 29.47 8.11 -9.99
CA GLU A 42 29.75 8.15 -8.56
C GLU A 42 28.64 8.83 -7.79
N ILE A 43 28.27 8.23 -6.64
CA ILE A 43 27.40 8.87 -5.66
C ILE A 43 28.03 8.69 -4.28
N ASP A 44 28.21 9.80 -3.57
CA ASP A 44 28.74 9.79 -2.23
C ASP A 44 30.06 9.01 -2.14
N GLY A 45 30.96 9.18 -3.11
CA GLY A 45 32.23 8.46 -3.12
C GLY A 45 32.23 7.01 -3.60
N GLU A 46 31.04 6.43 -3.78
CA GLU A 46 30.87 5.08 -4.29
C GLU A 46 30.74 5.06 -5.81
N LYS A 47 31.38 4.11 -6.49
CA LYS A 47 31.55 4.16 -7.94
C LYS A 47 30.95 2.96 -8.66
N PHE A 48 30.50 3.17 -9.89
CA PHE A 48 30.00 2.07 -10.73
C PHE A 48 30.22 2.44 -12.18
N GLU A 49 30.97 1.60 -12.88
CA GLU A 49 31.28 1.83 -14.28
C GLU A 49 30.12 1.38 -15.16
N SER A 50 29.72 2.22 -16.12
CA SER A 50 28.61 1.82 -17.02
C SER A 50 28.61 2.55 -18.34
N ASN A 51 27.98 1.93 -19.34
CA ASN A 51 27.69 2.60 -20.63
C ASN A 51 26.40 3.40 -20.62
N VAL A 52 25.66 3.32 -19.51
CA VAL A 52 24.45 4.16 -19.38
C VAL A 52 24.25 4.51 -17.92
N SER A 53 23.95 5.77 -17.68
CA SER A 53 23.81 6.29 -16.32
C SER A 53 22.81 5.48 -15.52
N VAL A 54 21.72 5.04 -16.15
CA VAL A 54 20.65 4.36 -15.40
C VAL A 54 21.13 3.09 -14.68
N LEU A 55 22.07 2.36 -15.29
CA LEU A 55 22.57 1.16 -14.58
C LEU A 55 23.41 1.55 -13.34
N ALA A 56 24.09 2.71 -13.40
CA ALA A 56 24.85 3.20 -12.27
C ALA A 56 23.89 3.66 -11.17
N LEU A 57 22.81 4.36 -11.54
CA LEU A 57 21.82 4.79 -10.55
C LEU A 57 21.21 3.52 -9.92
N ARG A 58 20.88 2.54 -10.75
CA ARG A 58 20.27 1.29 -10.25
C ARG A 58 21.19 0.64 -9.21
N ASP A 59 22.48 0.54 -9.53
CA ASP A 59 23.43 -0.11 -8.62
C ASP A 59 23.62 0.72 -7.35
N LEU A 60 23.95 2.00 -7.51
CA LEU A 60 24.32 2.85 -6.35
C LEU A 60 23.16 3.15 -5.41
N LEU A 61 21.94 3.29 -5.97
CA LEU A 61 20.76 3.55 -5.15
C LEU A 61 19.92 2.29 -4.90
N LYS A 62 20.44 1.13 -5.33
CA LYS A 62 19.77 -0.16 -5.09
C LYS A 62 18.32 -0.11 -5.54
N VAL A 63 18.12 0.36 -6.76
CA VAL A 63 16.75 0.56 -7.27
C VAL A 63 16.19 -0.79 -7.78
N ASP A 64 14.96 -1.13 -7.39
CA ASP A 64 14.39 -2.46 -7.72
C ASP A 64 14.16 -2.61 -9.25
N LYS A 65 13.45 -1.63 -9.83
CA LYS A 65 12.98 -1.71 -11.21
C LYS A 65 13.58 -0.62 -12.12
N THR A 66 13.76 -0.97 -13.40
CA THR A 66 14.40 -0.04 -14.38
C THR A 66 13.45 0.13 -15.53
N VAL A 67 13.27 1.37 -15.99
CA VAL A 67 12.45 1.64 -17.17
C VAL A 67 13.24 2.56 -18.08
N VAL A 68 13.51 2.09 -19.31
CA VAL A 68 14.17 2.90 -20.34
C VAL A 68 13.11 3.51 -21.23
N ILE A 69 13.17 4.84 -21.37
CA ILE A 69 12.29 5.55 -22.25
C ILE A 69 13.04 5.98 -23.51
N LEU A 70 12.56 5.49 -24.65
CA LEU A 70 13.12 5.82 -25.95
C LEU A 70 12.06 6.50 -26.83
N GLY A 71 12.50 7.33 -27.77
CA GLY A 71 11.59 7.83 -28.80
C GLY A 71 11.49 6.83 -29.95
N ILE A 72 10.30 6.74 -30.51
CA ILE A 72 10.02 5.98 -31.76
C ILE A 72 11.05 6.34 -32.86
N SER A 73 11.59 7.55 -32.80
CA SER A 73 12.55 7.97 -33.84
C SER A 73 13.79 7.11 -33.90
N VAL A 74 14.13 6.40 -32.83
CA VAL A 74 15.36 5.62 -32.88
C VAL A 74 15.16 4.36 -33.75
N ALA A 75 13.95 4.12 -34.24
CA ALA A 75 13.73 3.10 -35.30
C ALA A 75 14.81 3.25 -36.39
N ASP A 76 15.13 4.49 -36.75
CA ASP A 76 16.10 4.84 -37.81
C ASP A 76 17.48 4.18 -37.59
N VAL A 77 17.88 4.02 -36.33
CA VAL A 77 19.20 3.47 -35.94
C VAL A 77 19.35 1.98 -36.32
N TYR A 78 18.23 1.27 -36.35
CA TYR A 78 18.23 -0.16 -36.49
C TYR A 78 17.53 -0.60 -37.77
N ASN A 79 17.22 0.38 -38.62
CA ASN A 79 16.47 0.15 -39.84
C ASN A 79 15.15 -0.60 -39.58
N CYS A 80 14.48 -0.26 -38.48
CA CYS A 80 13.18 -0.85 -38.17
C CYS A 80 12.11 -0.38 -39.18
N LYS A 81 11.11 -1.22 -39.40
CA LYS A 81 10.08 -0.92 -40.38
C LYS A 81 8.93 -0.11 -39.80
N TYR A 82 8.21 0.59 -40.67
CA TYR A 82 7.06 1.39 -40.25
C TYR A 82 5.68 0.79 -40.62
N ALA A 83 5.58 -0.53 -40.66
CA ALA A 83 4.29 -1.21 -40.85
C ALA A 83 3.22 -0.69 -39.89
N ASP A 84 3.55 -0.66 -38.60
CA ASP A 84 2.69 -0.07 -37.59
C ASP A 84 3.54 0.26 -36.38
N TYR A 85 2.98 1.05 -35.46
CA TYR A 85 3.74 1.45 -34.27
C TYR A 85 4.25 0.26 -33.43
N ARG A 86 3.37 -0.71 -33.18
CA ARG A 86 3.70 -1.89 -32.34
C ARG A 86 4.88 -2.72 -32.88
N SER A 87 4.90 -2.98 -34.19
CA SER A 87 6.00 -3.77 -34.77
C SER A 87 7.29 -2.95 -34.82
N CYS A 88 7.15 -1.65 -35.07
CA CYS A 88 8.29 -0.74 -35.03
C CYS A 88 8.89 -0.73 -33.61
N LYS A 89 8.04 -0.57 -32.61
CA LYS A 89 8.59 -0.51 -31.24
C LYS A 89 9.13 -1.85 -30.77
N GLU A 90 8.53 -2.95 -31.23
CA GLU A 90 9.12 -4.24 -30.92
C GLU A 90 10.53 -4.40 -31.48
N CYS A 91 10.76 -3.91 -32.70
CA CYS A 91 12.09 -3.98 -33.33
C CYS A 91 13.06 -3.11 -32.52
N ILE A 92 12.60 -1.92 -32.09
CA ILE A 92 13.47 -1.08 -31.27
C ILE A 92 13.94 -1.76 -30.00
N ILE A 93 12.99 -2.38 -29.29
CA ILE A 93 13.23 -3.01 -27.98
C ILE A 93 14.20 -4.17 -28.14
N GLN A 94 13.95 -5.01 -29.15
CA GLN A 94 14.80 -6.18 -29.38
C GLN A 94 16.24 -5.77 -29.60
N ASN A 95 16.46 -4.74 -30.42
CA ASN A 95 17.80 -4.28 -30.70
C ASN A 95 18.46 -3.50 -29.54
N SER A 96 17.69 -2.66 -28.85
CA SER A 96 18.21 -1.85 -27.74
C SER A 96 18.58 -2.73 -26.52
N LYS A 97 17.79 -3.76 -26.27
CA LYS A 97 18.09 -4.71 -25.17
C LYS A 97 19.49 -5.27 -25.31
N ASN A 98 19.88 -5.56 -26.54
CA ASN A 98 21.22 -6.05 -26.77
C ASN A 98 22.32 -5.03 -26.64
N ASP A 99 22.05 -3.79 -27.04
CA ASP A 99 23.04 -2.73 -26.93
C ASP A 99 23.14 -2.20 -25.51
N LEU A 100 22.01 -2.10 -24.81
CA LEU A 100 22.00 -1.47 -23.47
C LEU A 100 22.24 -2.42 -22.31
N GLY A 101 22.05 -3.72 -22.55
CA GLY A 101 22.16 -4.72 -21.48
C GLY A 101 21.13 -4.51 -20.39
N ILE A 102 19.97 -4.02 -20.83
CA ILE A 102 18.79 -3.86 -20.01
C ILE A 102 17.68 -4.67 -20.66
N SER A 103 17.25 -5.73 -20.00
CA SER A 103 16.26 -6.64 -20.61
C SER A 103 14.84 -6.11 -20.58
N GLU A 104 14.53 -5.30 -19.56
CA GLU A 104 13.19 -4.72 -19.36
C GLU A 104 13.25 -3.61 -18.27
N SER A 105 12.35 -2.63 -18.27
CA SER A 105 11.24 -2.52 -19.22
C SER A 105 11.49 -1.30 -20.11
N TYR A 106 10.82 -1.29 -21.26
CA TYR A 106 10.97 -0.19 -22.21
C TYR A 106 9.64 0.49 -22.43
N VAL A 107 9.66 1.82 -22.44
CA VAL A 107 8.56 2.63 -22.91
C VAL A 107 9.06 3.30 -24.19
N VAL A 108 8.46 2.98 -25.33
CA VAL A 108 8.92 3.62 -26.57
C VAL A 108 7.81 4.59 -26.97
N ALA A 109 8.12 5.90 -26.89
CA ALA A 109 7.12 6.97 -26.99
C ALA A 109 7.14 7.73 -28.31
N PRO A 110 5.98 8.28 -28.70
CA PRO A 110 5.97 9.11 -29.93
C PRO A 110 6.80 10.35 -29.68
N ASN A 111 7.72 10.64 -30.58
CA ASN A 111 8.52 11.86 -30.45
C ASN A 111 8.75 12.55 -31.80
N VAL A 112 9.20 13.79 -31.73
CA VAL A 112 9.52 14.56 -32.93
C VAL A 112 11.03 14.66 -33.07
N TYR A 113 11.58 14.24 -34.21
CA TYR A 113 13.03 14.25 -34.36
C TYR A 113 13.39 13.98 -35.82
N GLN A 114 14.10 14.93 -36.42
CA GLN A 114 14.50 14.80 -37.85
C GLN A 114 13.29 14.47 -38.72
N LYS A 115 13.27 13.33 -39.41
CA LYS A 115 12.13 13.02 -40.30
C LYS A 115 10.86 12.61 -39.59
N PHE A 116 10.96 12.37 -38.26
CA PHE A 116 9.79 12.00 -37.46
C PHE A 116 9.07 13.25 -37.02
N LYS A 117 7.83 13.38 -37.48
CA LYS A 117 7.05 14.62 -37.29
C LYS A 117 5.83 14.34 -36.43
N GLY A 118 5.40 15.38 -35.70
CA GLY A 118 4.24 15.24 -34.80
C GLY A 118 4.15 16.40 -33.84
N LYS A 119 3.59 16.16 -32.65
CA LYS A 119 3.40 17.20 -31.67
C LYS A 119 4.16 16.78 -30.45
N PRO A 120 5.08 17.63 -29.95
CA PRO A 120 5.87 17.26 -28.77
C PRO A 120 5.05 16.86 -27.54
N ASP A 121 3.90 17.49 -27.32
CA ASP A 121 3.09 17.11 -26.14
C ASP A 121 2.61 15.65 -26.19
N HIS A 122 2.53 15.04 -27.36
CA HIS A 122 2.18 13.61 -27.40
C HIS A 122 3.14 12.67 -26.67
N TYR A 123 4.42 13.03 -26.65
CA TYR A 123 5.43 12.34 -25.82
C TYR A 123 5.01 12.37 -24.35
N PHE A 124 4.59 13.55 -23.88
CA PHE A 124 4.11 13.73 -22.50
C PHE A 124 2.93 12.79 -22.21
N THR A 125 1.93 12.85 -23.09
CA THR A 125 0.70 12.04 -22.87
C THR A 125 1.04 10.57 -22.71
N TYR A 126 1.86 10.09 -23.64
CA TYR A 126 2.23 8.70 -23.66
C TYR A 126 3.00 8.28 -22.42
N ILE A 127 3.99 9.08 -22.02
CA ILE A 127 4.74 8.75 -20.81
C ILE A 127 3.86 8.77 -19.54
N TYR A 128 2.99 9.77 -19.42
CA TYR A 128 2.06 9.84 -18.31
C TYR A 128 1.32 8.47 -18.21
N TYR A 129 0.70 8.06 -19.33
CA TYR A 129 -0.21 6.91 -19.26
C TYR A 129 0.52 5.60 -18.99
N HIS A 130 1.61 5.41 -19.73
CA HIS A 130 2.40 4.20 -19.57
C HIS A 130 3.13 4.10 -18.25
N SER A 131 3.64 5.22 -17.77
CA SER A 131 4.31 5.23 -16.45
C SER A 131 3.30 4.95 -15.32
N LEU A 132 2.08 5.50 -15.43
CA LEU A 132 1.04 5.21 -14.44
C LEU A 132 0.73 3.70 -14.35
N ARG A 133 0.57 3.06 -15.50
CA ARG A 133 0.33 1.61 -15.52
C ARG A 133 1.48 0.85 -14.84
N ILE A 134 2.72 1.32 -15.06
CA ILE A 134 3.88 0.67 -14.45
C ILE A 134 3.87 0.85 -12.92
N LEU A 135 3.55 2.06 -12.45
CA LEU A 135 3.45 2.30 -11.01
C LEU A 135 2.44 1.36 -10.36
N GLU A 136 1.27 1.20 -10.98
CA GLU A 136 0.25 0.31 -10.47
C GLU A 136 0.78 -1.14 -10.32
N LYS A 137 1.41 -1.63 -11.37
CA LYS A 137 1.90 -3.00 -11.43
C LYS A 137 2.99 -3.27 -10.40
N GLU A 138 3.85 -2.26 -10.16
CA GLU A 138 5.09 -2.46 -9.41
C GLU A 138 5.03 -2.16 -7.91
N GLY A 139 3.93 -1.55 -7.44
CA GLY A 139 3.74 -1.34 -5.98
C GLY A 139 4.83 -0.41 -5.45
N ILE A 140 4.87 0.77 -6.08
CA ILE A 140 6.00 1.70 -5.92
C ILE A 140 5.80 2.70 -4.78
N ASN A 141 6.88 2.96 -4.02
CA ASN A 141 6.87 4.09 -3.09
C ASN A 141 8.02 5.06 -3.30
N GLU A 142 8.91 4.78 -4.27
CA GLU A 142 10.05 5.69 -4.52
C GLU A 142 10.38 5.64 -6.01
N VAL A 143 10.46 6.82 -6.62
CA VAL A 143 10.65 6.98 -8.08
C VAL A 143 11.87 7.87 -8.31
N PHE A 144 12.77 7.42 -9.15
CA PHE A 144 13.92 8.23 -9.59
C PHE A 144 13.68 8.53 -11.03
N ILE A 145 13.97 9.78 -11.43
CA ILE A 145 13.85 10.14 -12.83
C ILE A 145 15.25 10.60 -13.25
N ASP A 146 15.85 9.90 -14.21
CA ASP A 146 17.24 10.17 -14.61
C ASP A 146 17.19 10.77 -16.00
N THR A 147 17.57 12.02 -16.14
CA THR A 147 17.48 12.61 -17.50
C THR A 147 18.84 12.79 -18.15
N THR A 148 19.87 12.11 -17.60
CA THR A 148 21.24 12.27 -18.06
C THR A 148 21.36 12.22 -19.59
N HIS A 149 20.69 11.25 -20.21
CA HIS A 149 20.89 10.98 -21.63
C HIS A 149 19.73 11.47 -22.46
N GLY A 150 18.84 12.28 -21.89
CA GLY A 150 17.74 12.80 -22.68
C GLY A 150 18.29 13.86 -23.64
N ILE A 151 17.63 13.99 -24.77
CA ILE A 151 17.94 15.06 -25.71
C ILE A 151 16.70 15.87 -26.05
N ASN A 152 16.89 17.05 -26.64
CA ASN A 152 15.79 17.97 -26.94
C ASN A 152 14.78 18.08 -25.79
N TYR A 153 13.49 17.83 -26.00
CA TYR A 153 12.48 18.11 -24.95
C TYR A 153 12.17 16.86 -24.09
N GLY A 155 13.69 15.49 -21.52
CA GLY A 155 13.86 15.60 -20.07
C GLY A 155 12.72 16.31 -19.39
N VAL A 156 12.36 17.49 -19.91
CA VAL A 156 11.34 18.31 -19.27
C VAL A 156 9.97 17.60 -19.31
N LEU A 157 9.65 17.01 -20.47
CA LEU A 157 8.32 16.40 -20.59
C LEU A 157 8.24 15.04 -19.86
N ALA A 158 9.32 14.23 -19.88
CA ALA A 158 9.29 12.96 -19.07
C ALA A 158 9.14 13.30 -17.58
N LYS A 159 9.88 14.30 -17.12
CA LYS A 159 9.82 14.67 -15.70
C LYS A 159 8.41 15.07 -15.31
N GLU A 160 7.82 15.97 -16.09
CA GLU A 160 6.49 16.47 -15.78
C GLU A 160 5.39 15.39 -15.98
N ALA A 161 5.57 14.53 -16.96
CA ALA A 161 4.57 13.45 -17.22
C ALA A 161 4.61 12.44 -16.07
N ILE A 162 5.81 12.05 -15.64
CA ILE A 162 5.98 11.13 -14.51
C ILE A 162 5.46 11.76 -13.20
N GLN A 163 5.77 13.06 -12.99
CA GLN A 163 5.19 13.78 -11.81
C GLN A 163 3.64 13.67 -11.76
N LEU A 164 3.02 13.82 -12.93
CA LEU A 164 1.56 13.76 -13.05
C LEU A 164 1.11 12.34 -12.72
N ALA A 165 1.79 11.33 -13.27
CA ALA A 165 1.43 9.93 -13.03
C ALA A 165 1.60 9.58 -11.55
N VAL A 166 2.70 10.02 -10.93
CA VAL A 166 2.92 9.69 -9.51
C VAL A 166 1.84 10.39 -8.64
N SER A 167 1.51 11.62 -9.02
CA SER A 167 0.43 12.36 -8.32
C SER A 167 -0.95 11.63 -8.37
N ALA A 168 -1.31 11.15 -9.57
CA ALA A 168 -2.55 10.42 -9.77
C ALA A 168 -2.47 9.11 -8.95
N TYR A 169 -1.35 8.41 -9.08
CA TYR A 169 -1.16 7.16 -8.36
C TYR A 169 -1.25 7.29 -6.85
N ALA A 170 -0.54 8.26 -6.25
CA ALA A 170 -0.54 8.48 -4.82
C ALA A 170 -1.92 8.75 -4.32
N ALA A 171 -2.67 9.58 -5.05
CA ALA A 171 -4.04 9.92 -4.61
C ALA A 171 -4.98 8.72 -4.75
N LYS A 172 -4.94 8.03 -5.88
CA LYS A 172 -5.90 6.93 -6.09
C LYS A 172 -5.57 5.71 -5.17
N SER A 173 -4.28 5.38 -5.04
CA SER A 173 -3.83 4.24 -4.22
C SER A 173 -3.79 4.61 -2.74
N GLU A 174 -3.88 5.91 -2.44
CA GLU A 174 -3.77 6.42 -1.06
C GLU A 174 -2.46 5.95 -0.41
N LYS A 175 -1.36 6.47 -0.94
CA LYS A 175 -0.04 6.15 -0.38
C LYS A 175 0.88 7.30 -0.65
N GLU A 176 1.96 7.35 0.10
CA GLU A 176 3.03 8.35 -0.12
C GLU A 176 4.04 7.82 -1.14
N VAL A 177 4.49 8.70 -2.04
CA VAL A 177 5.52 8.29 -2.99
C VAL A 177 6.61 9.38 -3.03
N LYS A 178 7.86 8.98 -2.90
CA LYS A 178 8.96 9.94 -3.00
C LYS A 178 9.43 9.99 -4.47
N VAL A 179 9.79 11.17 -4.97
CA VAL A 179 10.21 11.28 -6.38
C VAL A 179 11.48 12.14 -6.42
N SER A 180 12.52 11.70 -7.14
CA SER A 180 13.78 12.50 -7.21
C SER A 180 14.22 12.60 -8.64
N LEU A 181 14.73 13.78 -9.01
CA LEU A 181 15.27 14.01 -10.33
C LEU A 181 16.81 13.94 -10.23
N TYR A 182 17.42 13.15 -11.12
CA TYR A 182 18.86 12.93 -11.16
C TYR A 182 19.36 13.32 -12.52
N ASN A 183 20.58 13.84 -12.57
CA ASN A 183 21.29 14.04 -13.84
C ASN A 183 22.80 13.91 -13.57
N SER A 184 23.53 13.49 -14.60
CA SER A 184 25.00 13.56 -14.61
C SER A 184 25.56 14.07 -15.98
N ASP A 185 26.89 14.25 -16.05
CA ASP A 185 27.49 14.67 -17.30
C ASP A 185 28.61 13.78 -17.78
N PRO A 186 28.25 12.65 -18.43
CA PRO A 186 29.23 11.68 -18.94
C PRO A 186 29.84 12.04 -20.32
N VAL A 187 29.43 13.15 -20.94
CA VAL A 187 29.82 13.45 -22.34
C VAL A 187 31.32 13.75 -22.52
N GLY A 188 31.94 13.04 -23.48
CA GLY A 188 33.35 13.26 -23.83
C GLY A 188 34.31 12.77 -22.75
N LYS A 189 33.76 12.05 -21.78
CA LYS A 189 34.52 11.43 -20.69
C LYS A 189 34.76 9.96 -20.98
N ASP A 190 35.71 9.37 -20.25
CA ASP A 190 35.89 7.91 -20.27
C ASP A 190 35.95 7.36 -18.85
N VAL A 191 36.32 6.10 -18.72
CA VAL A 191 36.37 5.43 -17.42
C VAL A 191 37.33 6.07 -16.39
N SER A 192 38.36 6.78 -16.86
CA SER A 192 39.32 7.45 -15.95
C SER A 192 38.70 8.69 -15.32
N ASP A 193 37.62 9.20 -15.93
CA ASP A 193 36.84 10.29 -15.36
C ASP A 193 35.86 9.76 -14.32
N THR A 194 35.72 10.46 -13.20
CA THR A 194 34.63 10.18 -12.27
C THR A 194 33.49 11.14 -12.62
N VAL A 195 32.28 10.61 -12.88
CA VAL A 195 31.12 11.42 -13.24
C VAL A 195 30.08 11.40 -12.12
N LYS A 196 29.87 12.51 -11.42
CA LYS A 196 28.90 12.52 -10.30
C LYS A 196 27.45 12.41 -10.81
N LEU A 197 26.67 11.53 -10.16
CA LEU A 197 25.20 11.52 -10.35
C LEU A 197 24.55 12.43 -9.30
N HIS A 198 24.00 13.54 -9.76
CA HIS A 198 23.47 14.56 -8.86
C HIS A 198 22.00 14.37 -8.59
N GLU A 199 21.60 14.36 -7.31
CA GLU A 199 20.21 14.53 -6.92
C GLU A 199 19.83 15.99 -7.06
N ILE A 200 18.99 16.29 -8.04
CA ILE A 200 18.65 17.68 -8.31
C ILE A 200 17.54 18.19 -7.43
N GLU A 201 16.49 17.38 -7.34
CA GLU A 201 15.36 17.72 -6.48
C GLU A 201 14.72 16.44 -5.99
N ALA A 202 14.18 16.49 -4.79
CA ALA A 202 13.57 15.36 -4.14
C ALA A 202 12.29 15.92 -3.53
N ILE A 203 11.15 15.28 -3.82
CA ILE A 203 9.88 15.71 -3.25
C ILE A 203 9.15 14.51 -2.70
N LYS A 204 8.14 14.78 -1.86
CA LYS A 204 7.33 13.72 -1.28
C LYS A 204 5.93 14.06 -1.77
N ILE A 205 5.27 13.09 -2.41
CA ILE A 205 3.90 13.28 -2.85
C ILE A 205 2.96 12.41 -1.99
N SER A 206 2.01 13.07 -1.34
CA SER A 206 1.06 12.42 -0.40
C SER A 206 -0.23 12.36 -1.20
N PRO A 207 -1.22 11.61 -0.70
CA PRO A 207 -2.50 11.58 -1.44
C PRO A 207 -3.05 13.00 -1.64
N LEU A 208 -2.90 13.86 -0.61
CA LEU A 208 -3.39 15.25 -0.71
C LEU A 208 -2.62 16.04 -1.77
N SER A 209 -1.29 16.01 -1.69
CA SER A 209 -0.50 16.76 -2.68
C SER A 209 -0.56 16.16 -4.08
N GLY A 210 -0.78 14.85 -4.18
CA GLY A 210 -1.06 14.25 -5.51
C GLY A 210 -2.37 14.81 -6.11
N LEU A 211 -3.43 14.84 -5.29
CA LEU A 211 -4.73 15.41 -5.71
C LEU A 211 -4.58 16.88 -6.17
N LYS A 212 -3.86 17.65 -5.37
CA LYS A 212 -3.70 19.10 -5.59
C LYS A 212 -2.91 19.32 -6.88
N TYR A 213 -1.88 18.51 -7.13
CA TYR A 213 -1.15 18.64 -8.42
C TYR A 213 -2.03 18.35 -9.64
N VAL A 214 -2.81 17.27 -9.57
CA VAL A 214 -3.76 16.91 -10.62
C VAL A 214 -4.77 18.05 -10.91
N THR A 215 -5.45 18.53 -9.86
CA THR A 215 -6.38 19.67 -10.03
C THR A 215 -5.68 20.93 -10.55
N TYR A 216 -4.47 21.23 -10.06
CA TYR A 216 -3.68 22.37 -10.53
C TYR A 216 -3.54 22.37 -12.04
N GLN A 217 -3.31 21.19 -12.61
CA GLN A 217 -3.07 21.06 -14.05
C GLN A 217 -4.35 21.21 -14.89
N ILE A 218 -5.51 21.04 -14.26
CA ILE A 218 -6.76 21.32 -14.96
C ILE A 218 -7.08 22.80 -14.84
N LEU A 219 -6.90 23.35 -13.64
CA LEU A 219 -7.49 24.63 -13.34
C LEU A 219 -6.68 25.82 -13.86
N ASN A 220 -5.49 25.57 -14.38
CA ASN A 220 -4.71 26.67 -14.95
C ASN A 220 -4.72 26.72 -16.47
N LYS A 221 -5.68 26.04 -17.10
CA LYS A 221 -5.81 26.00 -18.54
C LYS A 221 -6.91 26.94 -19.00
N ASP A 222 -6.79 27.43 -20.23
CA ASP A 222 -7.79 28.32 -20.84
C ASP A 222 -9.13 27.60 -21.01
N LYS A 223 -10.21 28.39 -21.18
CA LYS A 223 -11.59 27.84 -21.15
C LYS A 223 -11.91 26.82 -22.22
N ASN A 224 -11.18 26.84 -23.33
CA ASN A 224 -11.45 25.91 -24.42
C ASN A 224 -10.55 24.68 -24.39
N PHE A 225 -9.67 24.63 -23.39
CA PHE A 225 -8.58 23.66 -23.41
C PHE A 225 -9.07 22.23 -23.45
N PHE A 226 -10.15 21.97 -22.71
CA PHE A 226 -10.71 20.62 -22.59
C PHE A 226 -11.87 20.31 -23.52
N ASN A 227 -11.91 20.94 -24.69
CA ASN A 227 -13.00 20.66 -25.61
C ASN A 227 -12.81 19.38 -26.40
N LYS A 228 -13.94 18.83 -26.85
CA LYS A 228 -13.97 17.64 -27.73
C LYS A 228 -13.46 16.35 -27.08
N ILE A 229 -13.31 16.35 -25.76
CA ILE A 229 -12.99 15.11 -25.05
C ILE A 229 -14.24 14.23 -24.92
N PHE A 230 -15.34 14.83 -24.47
CA PHE A 230 -16.70 14.21 -24.46
C PHE A 230 -17.71 15.33 -24.50
N SER A 231 -19.00 15.03 -24.65
CA SER A 231 -19.97 16.13 -24.74
C SER A 231 -19.88 17.10 -23.57
N ASP A 232 -19.77 18.39 -23.88
CA ASP A 232 -19.68 19.46 -22.88
C ASP A 232 -18.48 19.32 -21.92
N SER A 233 -17.50 18.50 -22.33
CA SER A 233 -16.24 18.36 -21.56
C SER A 233 -15.61 19.71 -21.25
N VAL A 234 -15.85 20.69 -22.11
CA VAL A 234 -15.26 21.99 -21.92
C VAL A 234 -15.74 22.62 -20.61
N ASN A 235 -16.93 22.21 -20.20
CA ASN A 235 -17.51 22.68 -18.95
C ASN A 235 -17.38 21.64 -17.84
N ALA A 236 -17.67 20.39 -18.18
CA ALA A 236 -17.67 19.27 -17.19
C ALA A 236 -16.28 19.10 -16.54
N ILE A 237 -15.22 19.14 -17.35
CA ILE A 237 -13.89 18.91 -16.79
C ILE A 237 -13.44 19.92 -15.74
N PRO A 238 -13.48 21.24 -16.02
CA PRO A 238 -13.10 22.12 -14.94
C PRO A 238 -14.04 22.05 -13.73
N ARG A 239 -15.32 21.77 -13.97
CA ARG A 239 -16.27 21.58 -12.85
C ARG A 239 -15.89 20.40 -11.93
N PHE A 240 -15.60 19.25 -12.52
CA PHE A 240 -15.12 18.09 -11.74
C PHE A 240 -13.85 18.42 -11.00
N ALA A 241 -12.92 19.09 -11.70
CA ALA A 241 -11.71 19.56 -11.00
C ALA A 241 -11.96 20.49 -9.83
N THR A 242 -12.86 21.47 -9.97
CA THR A 242 -13.18 22.34 -8.86
C THR A 242 -13.77 21.56 -7.69
N ALA A 243 -14.64 20.60 -8.00
CA ALA A 243 -15.25 19.76 -6.94
C ALA A 243 -14.17 18.96 -6.21
N LEU A 244 -13.22 18.39 -6.94
CA LEU A 244 -12.10 17.65 -6.33
C LEU A 244 -11.19 18.56 -5.50
N ASP A 245 -10.87 19.73 -6.05
CA ASP A 245 -10.00 20.68 -5.41
C ASP A 245 -10.57 21.23 -4.11
N ASN A 246 -11.91 21.23 -3.99
CA ASN A 246 -12.51 21.80 -2.80
C ASN A 246 -13.24 20.81 -1.91
N GLY A 247 -12.87 19.53 -2.01
CA GLY A 247 -13.39 18.55 -1.08
C GLY A 247 -14.88 18.23 -1.19
N LEU A 248 -15.45 18.34 -2.39
CA LEU A 248 -16.87 17.98 -2.60
C LEU A 248 -17.07 16.47 -2.83
N PHE A 249 -16.73 15.70 -1.81
CA PHE A 249 -16.69 14.23 -1.91
C PHE A 249 -18.02 13.60 -2.24
N ILE A 250 -19.12 14.17 -1.72
CA ILE A 250 -20.42 13.58 -2.01
C ILE A 250 -20.68 13.72 -3.50
N TYR A 251 -20.35 14.89 -4.06
CA TYR A 251 -20.52 15.10 -5.51
C TYR A 251 -19.69 14.11 -6.34
N LEU A 252 -18.41 13.96 -5.97
CA LEU A 252 -17.52 13.02 -6.65
C LEU A 252 -18.03 11.58 -6.60
N SER A 253 -18.71 11.24 -5.51
CA SER A 253 -19.29 9.91 -5.36
C SER A 253 -20.57 9.73 -6.18
N GLU A 254 -21.42 10.75 -6.20
CA GLU A 254 -22.77 10.62 -6.78
C GLU A 254 -22.94 11.03 -8.24
N LYS A 255 -22.10 11.96 -8.73
CA LYS A 255 -22.12 12.34 -10.13
C LYS A 255 -21.19 11.40 -10.91
N ASP A 256 -21.76 10.37 -11.51
CA ASP A 256 -20.95 9.29 -12.08
C ASP A 256 -20.00 9.78 -13.16
N SER A 257 -18.72 9.48 -12.97
CA SER A 257 -17.70 9.84 -13.98
C SER A 257 -17.00 8.59 -14.49
N SER A 258 -17.53 7.42 -14.10
CA SER A 258 -16.92 6.17 -14.49
C SER A 258 -16.86 6.02 -16.01
N LEU A 259 -17.87 6.54 -16.71
CA LEU A 259 -17.88 6.44 -18.15
C LEU A 259 -16.81 7.32 -18.79
N HIS A 260 -16.63 8.52 -18.26
CA HIS A 260 -15.57 9.41 -18.75
C HIS A 260 -14.21 8.76 -18.60
N LEU A 261 -13.98 8.18 -17.42
CA LEU A 261 -12.71 7.47 -17.19
C LEU A 261 -12.51 6.34 -18.16
N LYS A 262 -13.56 5.52 -18.37
CA LYS A 262 -13.42 4.39 -19.26
C LYS A 262 -13.10 4.85 -20.69
N ARG A 263 -13.72 5.96 -21.09
CA ARG A 263 -13.56 6.45 -22.46
C ARG A 263 -12.13 6.97 -22.61
N LEU A 264 -11.63 7.65 -21.59
CA LEU A 264 -10.23 8.13 -21.63
C LEU A 264 -9.23 6.98 -21.66
N GLU A 265 -9.50 5.91 -20.92
CA GLU A 265 -8.64 4.74 -20.95
C GLU A 265 -8.62 4.16 -22.35
N ASP A 266 -9.81 4.05 -22.96
CA ASP A 266 -9.93 3.58 -24.35
C ASP A 266 -9.09 4.45 -25.28
N ASP A 267 -9.26 5.76 -25.17
CA ASP A 267 -8.49 6.77 -25.95
C ASP A 267 -6.96 6.59 -25.82
N LEU A 268 -6.47 6.37 -24.60
CA LEU A 268 -5.03 6.39 -24.36
C LEU A 268 -4.38 5.04 -24.55
N SER A 269 -5.20 3.98 -24.47
CA SER A 269 -4.71 2.62 -24.67
C SER A 269 -4.38 2.26 -26.10
N LYS A 270 -5.00 2.94 -27.04
CA LYS A 270 -4.79 2.64 -28.46
C LYS A 270 -3.40 3.09 -28.85
N ASP A 271 -2.73 2.34 -29.72
CA ASP A 271 -1.36 2.67 -30.15
C ASP A 271 -1.35 3.98 -30.92
N PRO A 272 -0.24 4.74 -30.81
CA PRO A 272 -0.05 5.83 -31.75
C PRO A 272 -0.08 5.32 -33.19
N LEU A 273 -0.44 6.21 -34.10
CA LEU A 273 -0.41 5.93 -35.54
C LEU A 273 0.90 6.40 -36.10
N LEU A 274 1.52 5.54 -36.90
CA LEU A 274 2.73 5.85 -37.65
C LEU A 274 2.36 5.84 -39.13
N THR A 275 2.48 6.98 -39.80
CA THR A 275 2.16 7.03 -41.23
C THR A 275 3.31 7.65 -42.01
N PRO A 276 4.02 6.79 -42.80
CA PRO A 276 5.18 7.29 -43.56
C PRO A 276 4.72 8.14 -44.75
N SER A 277 5.52 9.17 -45.06
CA SER A 277 5.33 10.06 -46.23
C SER A 277 6.33 9.67 -47.29
N GLU A 278 6.62 10.59 -48.21
CA GLU A 278 7.79 10.43 -49.03
C GLU A 278 8.98 10.73 -48.12
N ASN A 279 8.97 11.91 -47.52
CA ASN A 279 10.16 12.39 -46.83
C ASN A 279 10.07 12.31 -45.30
N GLU A 280 9.05 11.63 -44.79
CA GLU A 280 8.66 11.80 -43.39
C GLU A 280 7.95 10.62 -42.81
N ILE A 281 7.98 10.52 -41.48
CA ILE A 281 7.11 9.62 -40.77
C ILE A 281 6.32 10.49 -39.82
N ASN A 282 5.00 10.49 -39.98
CA ASN A 282 4.11 11.27 -39.12
C ASN A 282 3.60 10.38 -38.01
N VAL A 283 3.74 10.86 -36.78
CA VAL A 283 3.35 10.12 -35.60
C VAL A 283 2.21 10.87 -34.93
N VAL A 284 1.09 10.19 -34.69
CA VAL A 284 -0.08 10.79 -34.06
C VAL A 284 -0.47 9.97 -32.83
N TYR A 285 -0.47 10.61 -31.65
CA TYR A 285 -1.04 10.01 -30.42
C TYR A 285 -2.18 10.92 -29.87
N LYS A 286 -2.16 11.30 -28.59
CA LYS A 286 -3.27 12.12 -28.06
C LYS A 286 -2.70 13.36 -27.39
N ASP A 287 -3.37 14.48 -27.60
CA ASP A 287 -2.97 15.76 -27.06
C ASP A 287 -2.95 15.69 -25.53
N LYS A 289 -4.24 17.27 -23.21
CA LYS A 289 -5.53 17.41 -22.50
C LYS A 289 -6.08 16.05 -22.10
N TYR A 290 -5.77 15.02 -22.89
CA TYR A 290 -6.23 13.65 -22.55
C TYR A 290 -5.51 13.10 -21.31
N ALA A 291 -4.20 13.34 -21.19
CA ALA A 291 -3.47 12.91 -19.97
C ALA A 291 -4.01 13.64 -18.73
N LEU A 292 -4.20 14.96 -18.85
CA LEU A 292 -4.62 15.75 -17.70
C LEU A 292 -6.00 15.31 -17.27
N SER A 293 -6.87 15.07 -18.25
CA SER A 293 -8.26 14.59 -18.01
C SER A 293 -8.31 13.20 -17.41
N HIS A 294 -7.45 12.29 -17.88
CA HIS A 294 -7.40 10.98 -17.33
C HIS A 294 -6.98 11.04 -15.86
N ALA A 295 -5.90 11.76 -15.57
CA ALA A 295 -5.43 11.88 -14.20
C ALA A 295 -6.56 12.37 -13.28
N LEU A 296 -7.31 13.36 -13.77
CA LEU A 296 -8.44 13.90 -13.01
C LEU A 296 -9.46 12.80 -12.69
N PHE A 297 -9.96 12.13 -13.72
CA PHE A 297 -11.00 11.11 -13.47
C PHE A 297 -10.48 9.89 -12.75
N TYR A 298 -9.23 9.52 -13.01
CA TYR A 298 -8.57 8.45 -12.22
C TYR A 298 -8.53 8.78 -10.70
N VAL A 299 -8.12 9.99 -10.34
CA VAL A 299 -8.15 10.39 -8.91
C VAL A 299 -9.62 10.36 -8.40
N ILE A 300 -10.54 10.87 -9.22
CA ILE A 300 -11.95 10.95 -8.79
C ILE A 300 -12.49 9.56 -8.50
N SER A 301 -12.01 8.54 -9.22
CA SER A 301 -12.48 7.14 -9.02
C SER A 301 -12.21 6.64 -7.57
N ARG A 302 -11.31 7.32 -6.83
CA ARG A 302 -11.07 7.00 -5.43
C ARG A 302 -12.36 7.11 -4.60
N PHE A 303 -13.28 7.98 -5.05
CA PHE A 303 -14.41 8.40 -4.23
C PHE A 303 -15.73 7.69 -4.50
N SER A 304 -15.65 6.57 -5.19
CA SER A 304 -16.86 5.87 -5.62
C SER A 304 -17.57 5.27 -4.38
N GLY A 305 -18.89 5.11 -4.47
CA GLY A 305 -19.62 4.47 -3.38
C GLY A 305 -20.25 5.44 -2.40
N ASN A 306 -21.23 4.96 -1.64
CA ASN A 306 -21.94 5.81 -0.70
C ASN A 306 -21.01 6.36 0.39
N VAL A 307 -21.34 7.56 0.85
CA VAL A 307 -20.53 8.34 1.80
C VAL A 307 -21.11 8.24 3.22
N ASP A 308 -20.58 7.32 4.02
CA ASP A 308 -20.89 7.29 5.46
C ASP A 308 -19.97 8.23 6.22
N LEU A 309 -20.34 8.56 7.45
CA LEU A 309 -19.63 9.60 8.18
C LEU A 309 -18.15 9.29 8.43
N ASP A 310 -17.81 8.04 8.73
CA ASP A 310 -16.40 7.72 8.97
C ASP A 310 -15.57 7.81 7.67
N THR A 311 -16.18 7.39 6.57
CA THR A 311 -15.54 7.57 5.25
C THR A 311 -15.32 9.06 5.01
N LEU A 312 -16.34 9.87 5.26
CA LEU A 312 -16.18 11.33 5.04
C LEU A 312 -15.13 11.95 5.96
N ARG A 313 -15.08 11.53 7.23
CA ARG A 313 -14.04 11.99 8.14
C ARG A 313 -12.66 11.66 7.59
N HIS A 314 -12.50 10.45 7.07
CA HIS A 314 -11.25 10.00 6.48
C HIS A 314 -10.90 10.85 5.26
N TYR A 315 -11.87 11.05 4.36
CA TYR A 315 -11.63 11.93 3.16
C TYR A 315 -11.16 13.32 3.60
N ALA A 316 -11.81 13.87 4.65
CA ALA A 316 -11.44 15.19 5.14
C ALA A 316 -9.98 15.20 5.57
N GLU A 317 -9.55 14.17 6.28
CA GLU A 317 -8.20 14.10 6.82
C GLU A 317 -7.19 13.88 5.69
N THR A 318 -7.62 13.19 4.66
CA THR A 318 -6.68 12.62 3.67
C THR A 318 -6.58 13.46 2.42
N TYR A 319 -7.70 14.08 2.06
CA TYR A 319 -7.84 14.69 0.74
C TYR A 319 -8.33 16.14 0.70
N ALA A 320 -8.45 16.76 1.87
CA ALA A 320 -8.89 18.16 1.92
C ALA A 320 -7.84 19.01 2.60
N ASP A 321 -7.73 20.29 2.20
CA ASP A 321 -6.79 21.17 2.89
C ASP A 321 -7.38 21.50 4.26
N LYS A 322 -6.59 22.18 5.08
CA LYS A 322 -6.91 22.34 6.48
C LYS A 322 -8.24 23.02 6.78
N VAL A 323 -8.59 24.11 6.08
CA VAL A 323 -9.85 24.78 6.38
C VAL A 323 -11.01 23.89 5.99
N THR A 324 -10.92 23.31 4.80
CA THR A 324 -11.99 22.48 4.29
C THR A 324 -12.20 21.27 5.24
N ARG A 325 -11.07 20.70 5.67
CA ARG A 325 -11.07 19.56 6.60
C ARG A 325 -11.78 19.94 7.90
N ALA A 326 -11.45 21.11 8.43
CA ALA A 326 -12.07 21.59 9.68
C ALA A 326 -13.57 21.78 9.55
N ILE A 327 -13.99 22.42 8.45
CA ILE A 327 -15.43 22.65 8.17
C ILE A 327 -16.21 21.34 8.08
N ILE A 328 -15.69 20.41 7.28
CA ILE A 328 -16.35 19.10 7.13
C ILE A 328 -16.43 18.40 8.48
N GLU A 329 -15.34 18.43 9.23
CA GLU A 329 -15.32 17.69 10.53
C GLU A 329 -16.27 18.29 11.54
N ASN A 330 -16.45 19.60 11.47
CA ASN A 330 -17.39 20.29 12.35
C ASN A 330 -18.82 19.93 12.01
N GLU A 331 -19.15 19.87 10.73
CA GLU A 331 -20.47 19.45 10.30
C GLU A 331 -20.74 17.99 10.74
N VAL A 332 -19.74 17.12 10.62
CA VAL A 332 -19.91 15.72 11.01
C VAL A 332 -20.12 15.60 12.52
N ASP A 333 -19.34 16.38 13.28
CA ASP A 333 -19.42 16.43 14.75
C ASP A 333 -20.84 16.76 15.11
N LYS A 334 -21.43 17.73 14.39
CA LYS A 334 -22.80 18.17 14.70
C LYS A 334 -23.76 17.03 14.43
N ILE A 335 -23.62 16.38 13.27
CA ILE A 335 -24.49 15.25 12.92
C ILE A 335 -24.40 14.10 13.95
N GLU A 336 -23.21 13.87 14.51
CA GLU A 336 -22.96 12.74 15.40
C GLU A 336 -23.57 12.95 16.80
N LYS A 337 -24.14 14.14 17.03
CA LYS A 337 -24.80 14.45 18.31
C LYS A 337 -26.20 13.87 18.39
N TYR A 338 -26.77 13.58 17.23
CA TYR A 338 -28.14 13.13 17.09
C TYR A 338 -28.22 11.64 16.80
N GLN A 339 -29.34 11.04 17.23
CA GLN A 339 -29.64 9.64 16.93
C GLN A 339 -30.42 9.61 15.62
N GLY A 341 -32.33 8.01 12.26
CA GLY A 341 -33.30 7.03 11.81
C GLY A 341 -33.13 6.59 10.37
N SER A 342 -33.94 5.61 9.97
CA SER A 342 -33.90 4.99 8.64
C SER A 342 -34.29 5.90 7.47
N GLU A 343 -35.29 6.76 7.68
CA GLU A 343 -35.77 7.59 6.57
C GLU A 343 -34.92 8.84 6.38
N ARG A 344 -34.85 9.28 5.13
CA ARG A 344 -34.00 10.41 4.72
C ARG A 344 -34.62 11.77 5.00
N LYS A 345 -33.88 12.60 5.72
CA LYS A 345 -34.30 13.96 6.04
C LYS A 345 -33.18 14.89 5.61
N LEU A 346 -33.50 16.14 5.32
CA LEU A 346 -32.48 17.13 5.07
C LEU A 346 -31.75 17.50 6.37
N LEU A 347 -30.45 17.82 6.27
CA LEU A 347 -29.71 18.22 7.46
C LEU A 347 -30.38 19.36 8.23
N GLY A 348 -31.08 20.24 7.51
CA GLY A 348 -31.75 21.38 8.15
C GLY A 348 -32.66 20.96 9.30
N GLU A 349 -33.34 19.82 9.11
CA GLU A 349 -34.22 19.24 10.13
C GLU A 349 -33.53 18.86 11.47
N TYR A 350 -32.22 18.99 11.54
CA TYR A 350 -31.47 18.63 12.75
C TYR A 350 -30.72 19.85 13.27
N ARG A 361 -22.62 30.86 -1.83
CA ARG A 361 -21.42 30.58 -1.05
C ARG A 361 -21.74 29.49 -0.03
N ILE A 362 -23.05 29.24 0.18
CA ILE A 362 -23.53 28.28 1.20
C ILE A 362 -23.05 26.81 1.03
N LEU A 363 -23.06 26.30 -0.20
CA LEU A 363 -22.44 25.00 -0.52
C LEU A 363 -21.07 24.91 0.12
N TYR A 364 -20.25 25.92 -0.14
CA TYR A 364 -18.88 25.88 0.30
C TYR A 364 -18.65 26.27 1.76
N ALA A 365 -19.49 27.17 2.31
CA ALA A 365 -19.33 27.58 3.72
C ALA A 365 -19.60 26.40 4.65
N HIS A 366 -20.35 25.41 4.18
CA HIS A 366 -20.64 24.18 4.93
C HIS A 366 -19.90 22.96 4.38
N GLY A 367 -18.78 23.23 3.73
CA GLY A 367 -17.87 22.20 3.27
C GLY A 367 -18.54 21.12 2.44
N GLY A 368 -19.53 21.48 1.63
CA GLY A 368 -20.23 20.51 0.82
C GLY A 368 -21.47 19.86 1.41
N LEU A 369 -21.85 20.28 2.62
CA LEU A 369 -23.06 19.76 3.32
C LEU A 369 -24.04 20.91 3.59
N PRO A 370 -24.53 21.59 2.53
CA PRO A 370 -25.44 22.71 2.84
C PRO A 370 -26.77 22.15 3.39
N TYR A 371 -27.33 22.75 4.44
CA TYR A 371 -28.44 22.08 5.16
C TYR A 371 -29.71 21.86 4.36
N ALA A 372 -29.98 22.76 3.42
CA ALA A 372 -31.17 22.63 2.59
C ALA A 372 -30.95 21.71 1.38
N GLY A 373 -29.72 21.25 1.18
CA GLY A 373 -29.39 20.50 -0.03
C GLY A 373 -28.74 19.14 0.16
N THR A 374 -28.73 18.67 1.40
CA THR A 374 -28.11 17.38 1.74
C THR A 374 -29.00 16.60 2.69
N TYR A 375 -29.21 15.34 2.36
CA TYR A 375 -29.94 14.41 3.20
C TYR A 375 -29.00 13.62 4.10
N VAL A 376 -29.57 13.04 5.15
CA VAL A 376 -28.86 12.16 6.08
C VAL A 376 -29.80 11.02 6.41
N TYR A 377 -29.25 9.83 6.63
CA TYR A 377 -30.05 8.65 6.99
C TYR A 377 -29.12 7.62 7.61
N LYS A 378 -29.70 6.68 8.39
CA LYS A 378 -28.92 5.60 8.98
C LYS A 378 -29.35 4.27 8.37
N GLU A 379 -28.37 3.52 7.89
CA GLU A 379 -28.58 2.19 7.32
C GLU A 379 -27.61 1.25 7.99
N LYS A 380 -28.16 0.13 8.47
CA LYS A 380 -27.80 -0.47 9.76
C LYS A 380 -26.81 0.27 10.65
N ASP A 381 -25.51 0.09 10.47
CA ASP A 381 -24.56 0.67 11.46
C ASP A 381 -23.89 1.97 11.04
N LYS A 382 -24.25 2.47 9.86
CA LYS A 382 -23.67 3.68 9.31
C LYS A 382 -24.68 4.78 9.03
N VAL A 383 -24.26 6.00 9.31
CA VAL A 383 -24.99 7.18 8.92
C VAL A 383 -24.39 7.65 7.59
N TYR A 384 -25.25 7.95 6.62
CA TYR A 384 -24.85 8.39 5.27
C TYR A 384 -25.31 9.82 5.00
N VAL A 385 -24.53 10.56 4.21
CA VAL A 385 -24.95 11.86 3.68
C VAL A 385 -25.04 11.70 2.16
N THR A 386 -26.05 12.30 1.53
CA THR A 386 -26.27 12.14 0.10
C THR A 386 -26.97 13.41 -0.40
N TYR A 387 -26.75 13.75 -1.66
CA TYR A 387 -27.46 14.91 -2.22
C TYR A 387 -28.79 14.51 -2.77
N GLY A 388 -28.93 13.20 -3.01
CA GLY A 388 -30.17 12.59 -3.51
C GLY A 388 -30.62 13.29 -4.77
N ASP A 389 -31.92 13.58 -4.85
CA ASP A 389 -32.45 14.28 -6.02
C ASP A 389 -32.07 15.77 -6.12
N LYS A 390 -31.25 16.27 -5.19
CA LYS A 390 -30.85 17.70 -5.16
C LYS A 390 -29.51 17.95 -5.84
N ILE A 391 -28.94 16.90 -6.45
CA ILE A 391 -27.57 17.01 -6.95
C ILE A 391 -27.41 18.05 -8.08
N ASP A 392 -28.44 18.24 -8.90
CA ASP A 392 -28.40 19.27 -9.98
C ASP A 392 -28.27 20.68 -9.45
N GLU A 393 -28.99 20.98 -8.37
CA GLU A 393 -28.82 22.23 -7.61
C GLU A 393 -27.41 22.43 -7.11
N ILE A 394 -26.80 21.35 -6.61
CA ILE A 394 -25.46 21.40 -6.08
C ILE A 394 -24.50 21.69 -7.22
N GLU A 395 -24.67 20.94 -8.29
CA GLU A 395 -23.82 21.04 -9.47
C GLU A 395 -23.75 22.48 -9.99
N ARG A 396 -24.91 23.14 -10.03
CA ARG A 396 -24.98 24.53 -10.47
C ARG A 396 -24.19 25.53 -9.60
N GLN A 397 -23.92 25.17 -8.34
CA GLN A 397 -23.23 26.07 -7.40
C GLN A 397 -21.72 25.81 -7.33
N ILE A 398 -21.27 24.73 -7.97
CA ILE A 398 -19.85 24.41 -7.94
C ILE A 398 -18.93 25.50 -8.56
N PHE B 19 -5.07 -1.02 -4.27
CA PHE B 19 -5.29 0.00 -3.21
C PHE B 19 -4.41 -0.29 -2.01
N GLN B 20 -3.84 0.77 -1.44
CA GLN B 20 -2.99 0.67 -0.27
C GLN B 20 -3.69 1.19 0.99
N GLY B 21 -3.70 2.51 1.20
CA GLY B 21 -4.36 3.08 2.38
C GLY B 21 -3.50 3.67 3.51
N ALA B 23 -5.27 4.84 6.50
CA ALA B 23 -6.36 5.01 7.46
C ALA B 23 -5.87 4.74 8.86
N SER B 24 -6.51 5.36 9.85
CA SER B 24 -6.09 5.16 11.25
C SER B 24 -7.21 4.42 11.97
N ILE B 25 -6.85 3.68 13.03
CA ILE B 25 -7.78 2.85 13.75
C ILE B 25 -7.41 2.76 15.22
N VAL B 26 -8.42 2.82 16.08
CA VAL B 26 -8.17 2.60 17.50
C VAL B 26 -8.91 1.35 17.97
N PHE B 27 -8.16 0.48 18.66
CA PHE B 27 -8.72 -0.72 19.32
C PHE B 27 -8.77 -0.39 20.81
N SER B 28 -9.93 -0.63 21.41
CA SER B 28 -10.16 -0.28 22.82
C SER B 28 -10.66 -1.50 23.58
N THR B 29 -9.94 -1.89 24.65
CA THR B 29 -10.40 -2.97 25.55
C THR B 29 -11.42 -2.35 26.52
N ILE B 30 -12.68 -2.82 26.43
CA ILE B 30 -13.70 -2.28 27.34
C ILE B 30 -14.21 -3.37 28.30
N GLY B 31 -14.06 -3.15 29.61
CA GLY B 31 -14.45 -4.16 30.60
C GLY B 31 -15.95 -4.18 30.88
N ASN B 32 -16.60 -3.02 30.70
CA ASN B 32 -17.98 -2.83 31.07
C ASN B 32 -18.71 -2.17 29.92
N PRO B 33 -19.59 -2.91 29.21
CA PRO B 33 -20.28 -2.35 28.04
C PRO B 33 -21.29 -1.27 28.46
N LYS B 34 -21.57 -1.14 29.74
CA LYS B 34 -22.42 -0.04 30.22
C LYS B 34 -21.69 1.32 30.12
N GLY B 35 -20.38 1.27 29.93
CA GLY B 35 -19.58 2.51 29.94
C GLY B 35 -19.23 2.94 31.34
N TYR B 36 -18.73 4.20 31.44
CA TYR B 36 -18.06 4.70 32.64
C TYR B 36 -18.51 6.08 33.05
N GLN B 37 -18.16 6.45 34.27
CA GLN B 37 -18.41 7.80 34.81
C GLN B 37 -17.91 8.84 33.78
N LYS B 38 -18.73 9.81 33.40
CA LYS B 38 -18.28 10.78 32.38
C LYS B 38 -17.16 11.61 32.96
N VAL B 39 -16.09 11.78 32.17
CA VAL B 39 -15.00 12.68 32.55
C VAL B 39 -14.55 13.42 31.31
N THR B 40 -13.76 14.46 31.54
CA THR B 40 -13.22 15.25 30.44
C THR B 40 -11.80 14.77 30.19
N TYR B 41 -11.64 14.04 29.08
CA TYR B 41 -10.33 13.58 28.61
C TYR B 41 -9.57 14.71 27.94
N GLU B 42 -8.25 14.70 28.04
CA GLU B 42 -7.45 15.77 27.47
C GLU B 42 -6.21 15.23 26.78
N ILE B 43 -5.93 15.76 25.58
CA ILE B 43 -4.63 15.54 24.97
C ILE B 43 -4.10 16.91 24.55
N ASP B 44 -2.91 17.24 25.06
CA ASP B 44 -2.22 18.48 24.67
C ASP B 44 -3.19 19.68 24.84
N GLY B 45 -3.79 19.78 26.03
CA GLY B 45 -4.69 20.90 26.36
C GLY B 45 -6.07 20.86 25.73
N GLU B 46 -6.26 20.00 24.73
CA GLU B 46 -7.53 19.89 24.06
C GLU B 46 -8.40 18.87 24.77
N LYS B 47 -9.69 19.20 24.95
CA LYS B 47 -10.57 18.38 25.80
C LYS B 47 -11.76 17.75 25.08
N PHE B 48 -12.18 16.59 25.57
CA PHE B 48 -13.40 15.95 25.04
C PHE B 48 -14.04 15.15 26.16
N GLU B 49 -15.28 15.50 26.51
CA GLU B 49 -16.04 14.78 27.54
C GLU B 49 -16.73 13.53 26.98
N SER B 50 -16.54 12.40 27.66
CA SER B 50 -17.12 11.12 27.22
C SER B 50 -17.30 10.14 28.36
N ASN B 51 -18.19 9.16 28.13
CA ASN B 51 -18.40 8.02 29.02
C ASN B 51 -17.46 6.85 28.67
N VAL B 52 -16.64 7.07 27.65
CA VAL B 52 -15.69 6.04 27.27
C VAL B 52 -14.43 6.70 26.68
N SER B 53 -13.26 6.29 27.15
CA SER B 53 -11.99 6.91 26.71
C SER B 53 -11.86 6.85 25.19
N VAL B 54 -12.24 5.73 24.58
CA VAL B 54 -12.03 5.54 23.14
C VAL B 54 -12.72 6.62 22.31
N LEU B 55 -13.86 7.15 22.77
CA LEU B 55 -14.52 8.18 21.99
C LEU B 55 -13.73 9.50 22.06
N ALA B 56 -13.10 9.78 23.21
CA ALA B 56 -12.22 10.94 23.33
C ALA B 56 -10.99 10.76 22.45
N LEU B 57 -10.39 9.57 22.50
CA LEU B 57 -9.25 9.33 21.63
C LEU B 57 -9.62 9.53 20.14
N ARG B 58 -10.76 8.98 19.72
CA ARG B 58 -11.23 9.11 18.36
C ARG B 58 -11.37 10.57 17.96
N ASP B 59 -11.96 11.37 18.86
CA ASP B 59 -12.15 12.79 18.57
C ASP B 59 -10.83 13.55 18.51
N LEU B 60 -10.05 13.40 19.57
CA LEU B 60 -8.86 14.25 19.77
C LEU B 60 -7.76 13.93 18.77
N LEU B 61 -7.65 12.66 18.38
CA LEU B 61 -6.59 12.22 17.43
C LEU B 61 -7.17 12.03 16.03
N LYS B 62 -8.45 12.35 15.86
CA LYS B 62 -9.15 12.26 14.56
C LYS B 62 -8.99 10.86 13.93
N VAL B 63 -9.36 9.85 14.70
CA VAL B 63 -9.05 8.49 14.26
C VAL B 63 -10.20 8.04 13.35
N ASP B 64 -9.86 7.44 12.20
CA ASP B 64 -10.90 7.04 11.22
C ASP B 64 -11.88 5.96 11.76
N LYS B 65 -11.32 4.87 12.29
CA LYS B 65 -12.08 3.65 12.62
C LYS B 65 -11.93 3.30 14.07
N THR B 66 -13.00 2.70 14.61
CA THR B 66 -13.10 2.38 16.02
C THR B 66 -13.38 0.91 16.14
N VAL B 67 -12.68 0.24 17.06
CA VAL B 67 -12.95 -1.17 17.34
C VAL B 67 -13.07 -1.35 18.83
N VAL B 68 -14.21 -1.82 19.31
CA VAL B 68 -14.38 -2.09 20.75
C VAL B 68 -14.15 -3.57 20.97
N ILE B 69 -13.27 -3.90 21.89
CA ILE B 69 -13.03 -5.30 22.25
C ILE B 69 -13.71 -5.60 23.59
N LEU B 70 -14.70 -6.51 23.58
CA LEU B 70 -15.40 -6.95 24.76
C LEU B 70 -15.11 -8.43 25.04
N GLY B 71 -15.22 -8.86 26.30
CA GLY B 71 -15.20 -10.31 26.59
C GLY B 71 -16.60 -10.89 26.47
N ILE B 72 -16.66 -12.16 26.06
CA ILE B 72 -17.96 -12.90 25.98
C ILE B 72 -18.62 -12.90 27.37
N SER B 73 -17.81 -12.76 28.42
CA SER B 73 -18.31 -12.76 29.78
C SER B 73 -19.32 -11.64 30.08
N VAL B 74 -19.32 -10.56 29.30
CA VAL B 74 -20.32 -9.50 29.51
C VAL B 74 -21.77 -9.91 29.09
N ALA B 75 -21.94 -11.13 28.60
CA ALA B 75 -23.25 -11.65 28.22
C ALA B 75 -24.31 -11.44 29.35
N ASP B 76 -23.93 -11.69 30.60
CA ASP B 76 -24.90 -11.52 31.72
C ASP B 76 -25.45 -10.10 31.91
N VAL B 77 -24.62 -9.09 31.64
CA VAL B 77 -25.11 -7.69 31.69
C VAL B 77 -26.44 -7.47 30.94
N TYR B 78 -26.66 -8.21 29.86
CA TYR B 78 -27.82 -8.03 29.03
C TYR B 78 -28.75 -9.25 28.97
N ASN B 79 -28.56 -10.21 29.88
CA ASN B 79 -29.30 -11.47 29.93
C ASN B 79 -29.19 -12.27 28.65
N CYS B 80 -28.04 -12.18 27.99
CA CYS B 80 -27.84 -12.88 26.75
C CYS B 80 -27.86 -14.38 27.00
N LYS B 81 -28.46 -15.09 26.07
CA LYS B 81 -28.50 -16.55 26.16
C LYS B 81 -27.20 -17.23 25.71
N TYR B 82 -27.03 -18.47 26.13
CA TYR B 82 -25.81 -19.22 25.89
C TYR B 82 -26.01 -20.37 24.89
N ALA B 83 -26.92 -20.21 23.93
CA ALA B 83 -27.19 -21.26 22.96
C ALA B 83 -25.94 -21.62 22.18
N ASP B 84 -25.23 -20.59 21.68
CA ASP B 84 -23.90 -20.81 21.11
C ASP B 84 -23.15 -19.48 21.12
N TYR B 85 -21.88 -19.55 20.73
CA TYR B 85 -21.07 -18.30 20.77
C TYR B 85 -21.62 -17.18 19.86
N ARG B 86 -22.05 -17.52 18.64
CA ARG B 86 -22.49 -16.51 17.68
C ARG B 86 -23.67 -15.73 18.22
N SER B 87 -24.69 -16.47 18.69
CA SER B 87 -25.87 -15.80 19.20
C SER B 87 -25.57 -14.98 20.47
N CYS B 88 -24.71 -15.49 21.33
CA CYS B 88 -24.38 -14.79 22.57
C CYS B 88 -23.65 -13.48 22.21
N LYS B 89 -22.69 -13.60 21.29
CA LYS B 89 -21.92 -12.43 20.83
C LYS B 89 -22.85 -11.40 20.19
N GLU B 90 -23.82 -11.85 19.36
CA GLU B 90 -24.67 -10.90 18.69
C GLU B 90 -25.58 -10.17 19.69
N CYS B 91 -26.05 -10.87 20.72
CA CYS B 91 -26.81 -10.23 21.79
C CYS B 91 -25.92 -9.16 22.46
N ILE B 92 -24.70 -9.53 22.79
CA ILE B 92 -23.75 -8.54 23.42
C ILE B 92 -23.58 -7.28 22.56
N ILE B 93 -23.34 -7.49 21.25
CA ILE B 93 -23.06 -6.38 20.32
C ILE B 93 -24.30 -5.47 20.19
N GLN B 94 -25.46 -6.07 19.94
CA GLN B 94 -26.70 -5.26 19.77
C GLN B 94 -27.06 -4.42 21.02
N ASN B 95 -26.89 -5.00 22.19
CA ASN B 95 -27.13 -4.29 23.41
C ASN B 95 -26.03 -3.27 23.79
N SER B 96 -24.78 -3.57 23.44
CA SER B 96 -23.68 -2.67 23.79
C SER B 96 -23.70 -1.38 22.98
N LYS B 97 -24.09 -1.48 21.72
CA LYS B 97 -24.11 -0.34 20.79
C LYS B 97 -24.77 0.94 21.34
N ASN B 98 -25.94 0.77 21.95
CA ASN B 98 -26.67 1.89 22.54
C ASN B 98 -26.05 2.44 23.81
N ASP B 99 -25.48 1.56 24.63
CA ASP B 99 -24.88 2.00 25.86
C ASP B 99 -23.58 2.74 25.61
N LEU B 100 -22.80 2.23 24.65
CA LEU B 100 -21.47 2.80 24.36
C LEU B 100 -21.50 3.94 23.36
N GLY B 101 -22.54 4.04 22.54
CA GLY B 101 -22.59 5.10 21.52
C GLY B 101 -21.62 4.83 20.37
N ILE B 102 -21.37 3.54 20.15
CA ILE B 102 -20.44 3.09 19.09
C ILE B 102 -21.14 2.03 18.33
N SER B 103 -21.39 2.30 17.06
CA SER B 103 -22.18 1.39 16.24
C SER B 103 -21.37 0.19 15.66
N GLU B 104 -20.05 0.37 15.49
CA GLU B 104 -19.17 -0.63 14.87
C GLU B 104 -17.72 -0.14 15.05
N SER B 105 -16.75 -1.03 15.07
CA SER B 105 -16.92 -2.49 14.97
C SER B 105 -16.67 -3.07 16.34
N TYR B 106 -17.24 -4.24 16.61
CA TYR B 106 -17.01 -4.97 17.84
C TYR B 106 -16.23 -6.28 17.59
N VAL B 107 -15.27 -6.54 18.47
CA VAL B 107 -14.64 -7.88 18.58
C VAL B 107 -15.03 -8.44 19.96
N VAL B 108 -15.80 -9.52 19.99
CA VAL B 108 -16.24 -10.08 21.28
C VAL B 108 -15.45 -11.38 21.42
N ALA B 109 -14.49 -11.36 22.35
CA ALA B 109 -13.48 -12.43 22.48
C ALA B 109 -13.72 -13.39 23.64
N PRO B 110 -13.21 -14.63 23.55
CA PRO B 110 -13.33 -15.55 24.69
C PRO B 110 -12.51 -15.00 25.82
N ASN B 111 -13.11 -14.91 26.98
CA ASN B 111 -12.34 -14.53 28.16
C ASN B 111 -12.78 -15.31 29.36
N VAL B 112 -11.95 -15.25 30.38
CA VAL B 112 -12.18 -15.98 31.61
C VAL B 112 -12.52 -14.94 32.63
N TYR B 113 -13.67 -15.09 33.25
CA TYR B 113 -14.06 -14.14 34.23
C TYR B 113 -15.28 -14.67 34.94
N GLN B 114 -15.21 -14.67 36.26
CA GLN B 114 -16.33 -15.13 37.12
C GLN B 114 -16.76 -16.52 36.68
N LYS B 115 -18.01 -16.68 36.22
CA LYS B 115 -18.52 -18.00 35.78
C LYS B 115 -18.00 -18.53 34.42
N PHE B 116 -17.36 -17.63 33.66
CA PHE B 116 -16.78 -17.98 32.37
C PHE B 116 -15.37 -18.49 32.54
N LYS B 117 -15.18 -19.73 32.10
CA LYS B 117 -13.95 -20.49 32.32
C LYS B 117 -13.30 -20.75 30.99
N GLY B 118 -11.97 -20.92 31.01
CA GLY B 118 -11.29 -21.34 29.77
C GLY B 118 -9.81 -21.01 29.92
N LYS B 119 -9.16 -20.69 28.80
CA LYS B 119 -7.70 -20.46 28.79
C LYS B 119 -7.47 -19.02 28.33
N PRO B 120 -6.82 -18.15 29.18
CA PRO B 120 -6.57 -16.77 28.82
C PRO B 120 -5.85 -16.56 27.49
N ASP B 121 -4.97 -17.48 27.11
CA ASP B 121 -4.32 -17.29 25.79
C ASP B 121 -5.28 -17.33 24.59
N HIS B 122 -6.44 -17.94 24.76
CA HIS B 122 -7.44 -17.95 23.67
C HIS B 122 -7.93 -16.55 23.34
N TYR B 123 -7.94 -15.66 24.33
CA TYR B 123 -8.25 -14.24 24.09
C TYR B 123 -7.20 -13.61 23.14
N PHE B 124 -5.92 -13.90 23.40
CA PHE B 124 -4.84 -13.46 22.52
C PHE B 124 -5.09 -13.98 21.11
N THR B 125 -5.33 -15.30 20.96
CA THR B 125 -5.47 -15.88 19.60
C THR B 125 -6.58 -15.16 18.82
N TYR B 126 -7.68 -14.96 19.50
CA TYR B 126 -8.88 -14.37 18.90
C TYR B 126 -8.67 -12.93 18.48
N ILE B 127 -8.07 -12.13 19.36
CA ILE B 127 -7.76 -10.74 19.03
C ILE B 127 -6.76 -10.68 17.86
N TYR B 128 -5.77 -11.55 17.87
CA TYR B 128 -4.79 -11.54 16.79
C TYR B 128 -5.51 -11.71 15.45
N TYR B 129 -6.32 -12.76 15.37
CA TYR B 129 -6.87 -13.13 14.07
C TYR B 129 -7.89 -12.12 13.59
N HIS B 130 -8.79 -11.73 14.49
CA HIS B 130 -9.85 -10.80 14.14
C HIS B 130 -9.31 -9.40 13.89
N SER B 131 -8.28 -9.00 14.63
CA SER B 131 -7.68 -7.66 14.35
C SER B 131 -6.98 -7.70 13.02
N LEU B 132 -6.29 -8.80 12.72
CA LEU B 132 -5.64 -8.89 11.40
C LEU B 132 -6.62 -8.71 10.26
N ARG B 133 -7.76 -9.39 10.33
CA ARG B 133 -8.80 -9.26 9.28
C ARG B 133 -9.26 -7.79 9.13
N ILE B 134 -9.42 -7.10 10.27
CA ILE B 134 -9.83 -5.70 10.29
C ILE B 134 -8.76 -4.80 9.62
N LEU B 135 -7.50 -5.05 9.96
CA LEU B 135 -6.40 -4.29 9.32
C LEU B 135 -6.46 -4.43 7.78
N GLU B 136 -6.63 -5.68 7.31
CA GLU B 136 -6.72 -5.94 5.86
C GLU B 136 -7.87 -5.18 5.22
N LYS B 137 -9.02 -5.19 5.85
CA LYS B 137 -10.22 -4.58 5.29
C LYS B 137 -10.10 -3.05 5.24
N GLU B 138 -9.39 -2.50 6.22
CA GLU B 138 -9.43 -1.04 6.44
C GLU B 138 -8.27 -0.26 5.87
N GLY B 139 -7.26 -0.94 5.29
CA GLY B 139 -6.14 -0.18 4.65
C GLY B 139 -5.42 0.78 5.62
N ILE B 140 -4.87 0.21 6.69
CA ILE B 140 -4.40 0.98 7.87
C ILE B 140 -2.92 1.29 7.81
N ASN B 141 -2.54 2.51 8.21
CA ASN B 141 -1.13 2.83 8.44
C ASN B 141 -0.87 3.33 9.85
N GLU B 142 -1.94 3.52 10.65
CA GLU B 142 -1.73 4.00 12.01
C GLU B 142 -2.71 3.31 12.96
N VAL B 143 -2.17 2.77 14.06
CA VAL B 143 -2.97 1.99 15.01
C VAL B 143 -2.77 2.52 16.41
N PHE B 144 -3.89 2.73 17.14
CA PHE B 144 -3.84 3.13 18.55
C PHE B 144 -4.43 1.98 19.33
N ILE B 145 -3.87 1.70 20.48
CA ILE B 145 -4.38 0.62 21.34
C ILE B 145 -4.68 1.31 22.67
N ASP B 146 -5.95 1.40 23.05
CA ASP B 146 -6.34 2.13 24.25
C ASP B 146 -6.76 1.13 25.33
N THR B 147 -5.91 0.97 26.34
CA THR B 147 -6.19 -0.05 27.36
C THR B 147 -6.85 0.51 28.63
N THR B 148 -7.25 1.78 28.58
CA THR B 148 -7.82 2.45 29.75
C THR B 148 -8.82 1.57 30.54
N HIS B 149 -9.82 1.02 29.82
CA HIS B 149 -10.95 0.35 30.46
C HIS B 149 -10.81 -1.18 30.48
N GLY B 150 -9.61 -1.67 30.18
CA GLY B 150 -9.34 -3.06 30.23
C GLY B 150 -9.25 -3.55 31.68
N ILE B 151 -9.69 -4.78 31.89
CA ILE B 151 -9.55 -5.37 33.22
C ILE B 151 -8.83 -6.72 33.14
N ASN B 152 -8.33 -7.19 34.29
CA ASN B 152 -7.51 -8.43 34.34
C ASN B 152 -6.48 -8.48 33.22
N TYR B 153 -6.45 -9.51 32.36
CA TYR B 153 -5.37 -9.66 31.38
C TYR B 153 -5.70 -9.06 30.01
N GLY B 155 -5.63 -5.99 28.79
CA GLY B 155 -4.67 -5.00 28.24
C GLY B 155 -3.42 -5.64 27.68
N VAL B 156 -2.81 -6.50 28.49
CA VAL B 156 -1.55 -7.08 28.08
C VAL B 156 -1.72 -7.95 26.85
N LEU B 157 -2.77 -8.78 26.87
CA LEU B 157 -2.97 -9.70 25.73
C LEU B 157 -3.51 -9.00 24.47
N ALA B 158 -4.35 -7.97 24.62
CA ALA B 158 -4.81 -7.22 23.41
C ALA B 158 -3.61 -6.51 22.80
N LYS B 159 -2.76 -5.88 23.64
CA LYS B 159 -1.64 -5.13 23.10
C LYS B 159 -0.73 -6.04 22.32
N GLU B 160 -0.34 -7.16 22.94
CA GLU B 160 0.59 -8.08 22.28
C GLU B 160 -0.03 -8.77 21.05
N ALA B 161 -1.33 -9.11 21.12
CA ALA B 161 -2.00 -9.72 19.96
C ALA B 161 -2.08 -8.75 18.79
N ILE B 162 -2.48 -7.51 19.07
CA ILE B 162 -2.49 -6.47 18.04
C ILE B 162 -1.10 -6.19 17.48
N GLN B 163 -0.08 -6.10 18.35
CA GLN B 163 1.29 -5.97 17.85
C GLN B 163 1.67 -7.09 16.87
N LEU B 164 1.30 -8.34 17.17
CA LEU B 164 1.60 -9.46 16.30
C LEU B 164 0.82 -9.28 14.97
N ALA B 165 -0.46 -8.95 15.10
CA ALA B 165 -1.28 -8.68 13.89
C ALA B 165 -0.66 -7.61 12.97
N VAL B 166 -0.29 -6.47 13.54
CA VAL B 166 0.27 -5.39 12.71
C VAL B 166 1.62 -5.84 12.11
N SER B 167 2.39 -6.62 12.88
CA SER B 167 3.67 -7.16 12.39
C SER B 167 3.47 -8.02 11.13
N ALA B 168 2.52 -8.96 11.21
CA ALA B 168 2.17 -9.81 10.08
C ALA B 168 1.66 -8.98 8.92
N TYR B 169 0.74 -8.06 9.20
CA TYR B 169 0.12 -7.18 8.18
C TYR B 169 1.17 -6.32 7.44
N ALA B 170 2.06 -5.69 8.19
CA ALA B 170 3.11 -4.83 7.61
C ALA B 170 4.02 -5.63 6.68
N ALA B 171 4.45 -6.80 7.12
CA ALA B 171 5.33 -7.64 6.32
C ALA B 171 4.60 -8.17 5.06
N LYS B 172 3.43 -8.76 5.25
CA LYS B 172 2.70 -9.33 4.07
C LYS B 172 2.25 -8.25 3.07
N SER B 173 1.67 -7.14 3.55
CA SER B 173 1.19 -6.06 2.66
C SER B 173 2.34 -5.19 2.13
N GLU B 174 3.49 -5.32 2.77
CA GLU B 174 4.68 -4.51 2.50
C GLU B 174 4.35 -3.02 2.64
N LYS B 175 4.12 -2.60 3.89
CA LYS B 175 3.92 -1.19 4.19
C LYS B 175 4.34 -0.90 5.63
N GLU B 176 4.56 0.38 5.96
CA GLU B 176 4.88 0.76 7.34
C GLU B 176 3.57 1.02 8.09
N VAL B 177 3.56 0.63 9.37
CA VAL B 177 2.43 0.93 10.25
C VAL B 177 2.96 1.48 11.59
N LYS B 178 2.41 2.61 12.04
CA LYS B 178 2.74 3.13 13.38
C LYS B 178 1.77 2.57 14.37
N VAL B 179 2.26 2.23 15.54
CA VAL B 179 1.38 1.69 16.59
C VAL B 179 1.66 2.39 17.92
N SER B 180 0.60 2.82 18.63
CA SER B 180 0.78 3.56 19.88
C SER B 180 -0.12 2.98 20.93
N LEU B 181 0.43 2.83 22.13
CA LEU B 181 -0.31 2.37 23.28
C LEU B 181 -0.69 3.62 24.08
N TYR B 182 -1.99 3.75 24.36
CA TYR B 182 -2.53 4.85 25.17
C TYR B 182 -3.23 4.33 26.42
N ASN B 183 -3.21 5.12 27.47
CA ASN B 183 -4.00 4.83 28.67
C ASN B 183 -4.28 6.19 29.33
N SER B 184 -5.49 6.37 29.85
CA SER B 184 -5.79 7.63 30.54
C SER B 184 -5.19 7.56 31.94
N ASP B 185 -5.15 8.69 32.63
CA ASP B 185 -4.92 8.65 34.09
C ASP B 185 -5.97 7.67 34.65
N PRO B 186 -5.53 6.66 35.41
CA PRO B 186 -6.54 5.80 36.06
C PRO B 186 -7.31 6.58 37.11
N VAL B 187 -8.63 6.56 37.02
CA VAL B 187 -9.47 7.37 37.92
C VAL B 187 -9.75 6.67 39.25
N GLY B 188 -9.54 5.36 39.28
CA GLY B 188 -9.78 4.53 40.43
C GLY B 188 -11.25 4.47 40.78
N LYS B 189 -11.54 4.58 42.08
CA LYS B 189 -12.91 4.64 42.54
C LYS B 189 -13.39 6.06 42.75
N ASP B 190 -12.58 7.03 42.32
CA ASP B 190 -12.94 8.45 42.39
C ASP B 190 -13.66 8.96 41.14
N VAL B 191 -14.14 10.20 41.25
CA VAL B 191 -14.71 10.98 40.16
C VAL B 191 -13.75 12.11 39.84
N SER B 192 -12.86 11.89 38.88
CA SER B 192 -11.96 12.96 38.44
C SER B 192 -12.72 13.90 37.52
N ASP B 193 -12.23 15.12 37.39
CA ASP B 193 -12.83 16.05 36.45
C ASP B 193 -12.09 16.04 35.10
N THR B 194 -10.79 16.35 35.11
CA THR B 194 -9.96 16.26 33.90
C THR B 194 -9.02 15.07 33.99
N VAL B 195 -8.90 14.36 32.88
CA VAL B 195 -8.18 13.11 32.80
C VAL B 195 -7.31 13.13 31.54
N LYS B 196 -5.99 13.01 31.71
CA LYS B 196 -5.08 13.03 30.58
C LYS B 196 -5.07 11.68 29.90
N LEU B 197 -5.10 11.70 28.57
CA LEU B 197 -4.89 10.49 27.78
C LEU B 197 -3.41 10.46 27.38
N HIS B 198 -2.67 9.51 27.93
CA HIS B 198 -1.23 9.41 27.71
C HIS B 198 -0.85 8.48 26.59
N GLU B 199 -0.02 8.97 25.67
CA GLU B 199 0.78 8.08 24.80
C GLU B 199 1.87 7.43 25.61
N ILE B 200 1.77 6.11 25.81
CA ILE B 200 2.73 5.40 26.64
C ILE B 200 3.92 4.94 25.82
N GLU B 201 3.63 4.38 24.66
CA GLU B 201 4.64 3.80 23.79
C GLU B 201 4.20 4.08 22.34
N ALA B 202 5.16 4.50 21.52
CA ALA B 202 4.90 4.69 20.11
C ALA B 202 6.02 4.02 19.31
N ILE B 203 5.66 3.11 18.41
CA ILE B 203 6.63 2.37 17.60
C ILE B 203 6.25 2.46 16.11
N LYS B 204 7.23 2.20 15.25
CA LYS B 204 7.05 2.15 13.80
C LYS B 204 7.42 0.71 13.40
N ILE B 205 6.52 0.07 12.68
CA ILE B 205 6.71 -1.27 12.25
C ILE B 205 6.84 -1.23 10.70
N SER B 206 8.00 -1.61 10.22
CA SER B 206 8.32 -1.70 8.80
C SER B 206 8.10 -3.17 8.39
N PRO B 207 8.10 -3.43 7.07
CA PRO B 207 8.04 -4.85 6.68
C PRO B 207 9.12 -5.67 7.36
N LEU B 208 10.35 -5.13 7.44
CA LEU B 208 11.44 -5.91 8.05
C LEU B 208 11.19 -6.15 9.58
N SER B 209 10.78 -5.07 10.29
CA SER B 209 10.49 -5.08 11.73
C SER B 209 9.30 -6.03 11.96
N GLY B 210 8.35 -6.03 11.03
CA GLY B 210 7.16 -6.94 11.20
C GLY B 210 7.63 -8.39 11.10
N LEU B 211 8.41 -8.69 10.06
CA LEU B 211 8.98 -10.01 9.83
C LEU B 211 9.74 -10.49 11.05
N LYS B 212 10.62 -9.64 11.56
CA LYS B 212 11.47 -10.03 12.68
C LYS B 212 10.69 -10.27 13.97
N TYR B 213 9.61 -9.49 14.19
CA TYR B 213 8.76 -9.75 15.36
C TYR B 213 8.04 -11.10 15.24
N VAL B 214 7.55 -11.39 14.04
CA VAL B 214 6.87 -12.68 13.81
C VAL B 214 7.80 -13.88 14.03
N THR B 215 8.98 -13.83 13.43
CA THR B 215 9.94 -14.91 13.66
C THR B 215 10.39 -15.01 15.14
N TYR B 216 10.62 -13.86 15.78
CA TYR B 216 10.96 -13.83 17.23
C TYR B 216 9.99 -14.66 18.05
N GLN B 217 8.69 -14.50 17.80
CA GLN B 217 7.67 -15.23 18.57
C GLN B 217 7.67 -16.72 18.30
N ILE B 218 8.24 -17.17 17.18
CA ILE B 218 8.33 -18.58 16.94
C ILE B 218 9.57 -19.13 17.64
N LEU B 219 10.66 -18.41 17.49
CA LEU B 219 11.97 -18.92 17.81
C LEU B 219 12.29 -18.85 19.29
N ASN B 220 11.53 -18.06 20.05
CA ASN B 220 11.69 -18.08 21.53
C ASN B 220 10.83 -19.11 22.29
N LYS B 221 10.23 -20.06 21.59
CA LYS B 221 9.43 -21.11 22.21
C LYS B 221 10.16 -22.44 22.40
N ASP B 222 9.73 -23.18 23.40
CA ASP B 222 10.25 -24.53 23.67
C ASP B 222 10.09 -25.52 22.51
N LYS B 223 10.92 -26.57 22.54
CA LYS B 223 11.02 -27.59 21.49
C LYS B 223 9.68 -28.18 20.98
N ASN B 224 8.68 -28.34 21.86
CA ASN B 224 7.42 -28.99 21.52
C ASN B 224 6.21 -28.05 21.42
N PHE B 225 6.48 -26.76 21.47
CA PHE B 225 5.45 -25.73 21.54
C PHE B 225 4.51 -25.81 20.36
N PHE B 226 5.08 -26.14 19.21
CA PHE B 226 4.32 -26.20 17.94
C PHE B 226 3.80 -27.58 17.54
N ASN B 227 3.64 -28.47 18.51
CA ASN B 227 3.12 -29.82 18.24
C ASN B 227 1.66 -29.81 17.82
N LYS B 228 1.28 -30.78 16.97
CA LYS B 228 -0.14 -31.09 16.72
C LYS B 228 -0.89 -30.03 15.91
N ILE B 229 -0.14 -29.15 15.25
CA ILE B 229 -0.70 -28.19 14.31
C ILE B 229 -0.91 -28.82 12.92
N PHE B 230 0.12 -29.50 12.46
CA PHE B 230 0.09 -30.42 11.29
C PHE B 230 1.24 -31.44 11.48
N SER B 231 1.28 -32.48 10.67
CA SER B 231 2.33 -33.50 10.83
C SER B 231 3.75 -32.94 10.80
N ASP B 232 4.49 -33.28 11.85
CA ASP B 232 5.89 -32.86 12.05
C ASP B 232 6.02 -31.32 12.20
N SER B 233 4.92 -30.68 12.58
CA SER B 233 4.97 -29.24 12.85
C SER B 233 5.99 -28.81 13.92
N VAL B 234 6.26 -29.66 14.94
CA VAL B 234 7.31 -29.29 15.90
C VAL B 234 8.64 -28.99 15.29
N ASN B 235 8.97 -29.62 14.15
CA ASN B 235 10.23 -29.32 13.48
C ASN B 235 10.03 -28.34 12.33
N ALA B 236 8.96 -28.56 11.58
CA ALA B 236 8.69 -27.77 10.35
C ALA B 236 8.46 -26.28 10.66
N ILE B 237 7.71 -25.99 11.72
CA ILE B 237 7.44 -24.58 12.05
C ILE B 237 8.70 -23.76 12.37
N PRO B 238 9.54 -24.23 13.34
CA PRO B 238 10.80 -23.58 13.60
C PRO B 238 11.67 -23.50 12.38
N ARG B 239 11.60 -24.51 11.53
CA ARG B 239 12.45 -24.55 10.32
C ARG B 239 12.01 -23.41 9.35
N PHE B 240 10.70 -23.32 9.11
CA PHE B 240 10.21 -22.19 8.27
C PHE B 240 10.57 -20.83 8.90
N ALA B 241 10.44 -20.72 10.22
CA ALA B 241 10.76 -19.44 10.85
C ALA B 241 12.26 -19.10 10.68
N THR B 242 13.12 -20.13 10.80
CA THR B 242 14.54 -19.94 10.65
C THR B 242 14.88 -19.49 9.19
N ALA B 243 14.23 -20.11 8.22
CA ALA B 243 14.39 -19.72 6.80
C ALA B 243 13.97 -18.24 6.66
N LEU B 244 12.82 -17.87 7.21
CA LEU B 244 12.33 -16.48 7.10
C LEU B 244 13.25 -15.48 7.82
N ASP B 245 13.67 -15.84 9.01
CA ASP B 245 14.51 -14.98 9.81
C ASP B 245 15.89 -14.74 9.19
N ASN B 246 16.31 -15.70 8.35
CA ASN B 246 17.63 -15.63 7.75
C ASN B 246 17.69 -15.33 6.26
N GLY B 247 16.60 -14.82 5.72
CA GLY B 247 16.51 -14.41 4.34
C GLY B 247 16.63 -15.52 3.32
N LEU B 248 16.13 -16.73 3.63
CA LEU B 248 16.18 -17.81 2.62
C LEU B 248 14.99 -17.74 1.68
N PHE B 249 14.95 -16.65 0.91
CA PHE B 249 13.76 -16.35 0.11
C PHE B 249 13.47 -17.39 -0.95
N ILE B 250 14.51 -18.02 -1.53
CA ILE B 250 14.25 -19.04 -2.57
C ILE B 250 13.57 -20.27 -1.93
N TYR B 251 14.02 -20.64 -0.74
CA TYR B 251 13.40 -21.74 -0.03
C TYR B 251 11.91 -21.47 0.25
N LEU B 252 11.60 -20.26 0.74
CA LEU B 252 10.22 -19.86 1.02
C LEU B 252 9.35 -19.87 -0.25
N SER B 253 9.98 -19.58 -1.40
CA SER B 253 9.27 -19.55 -2.68
C SER B 253 9.02 -20.96 -3.24
N GLU B 254 9.83 -21.92 -2.83
CA GLU B 254 9.79 -23.24 -3.45
C GLU B 254 9.29 -24.35 -2.57
N LYS B 255 9.37 -24.21 -1.25
CA LYS B 255 8.82 -25.20 -0.36
C LYS B 255 7.38 -24.80 -0.01
N ASP B 256 6.39 -25.59 -0.42
CA ASP B 256 4.98 -25.19 -0.15
C ASP B 256 4.67 -24.88 1.27
N SER B 257 3.99 -23.74 1.46
CA SER B 257 3.34 -23.57 2.75
C SER B 257 1.87 -23.12 2.62
N SER B 258 1.33 -23.09 1.39
CA SER B 258 -0.05 -22.63 1.18
C SER B 258 -1.08 -23.56 1.88
N LEU B 259 -0.80 -24.86 1.91
CA LEU B 259 -1.65 -25.81 2.64
C LEU B 259 -1.71 -25.43 4.13
N HIS B 260 -0.54 -25.09 4.70
CA HIS B 260 -0.45 -24.76 6.13
C HIS B 260 -1.20 -23.48 6.43
N LEU B 261 -1.02 -22.48 5.55
CA LEU B 261 -1.78 -21.24 5.71
C LEU B 261 -3.30 -21.47 5.66
N LYS B 262 -3.74 -22.22 4.65
CA LYS B 262 -5.15 -22.46 4.43
C LYS B 262 -5.73 -23.16 5.67
N ARG B 263 -5.04 -24.17 6.17
CA ARG B 263 -5.57 -24.97 7.30
C ARG B 263 -5.64 -24.11 8.58
N LEU B 264 -4.65 -23.24 8.76
CA LEU B 264 -4.66 -22.31 9.92
C LEU B 264 -5.79 -21.31 9.80
N GLU B 265 -6.02 -20.78 8.61
CA GLU B 265 -7.15 -19.84 8.44
C GLU B 265 -8.49 -20.56 8.68
N ASP B 266 -8.60 -21.80 8.20
CA ASP B 266 -9.81 -22.60 8.48
C ASP B 266 -9.99 -22.81 10.00
N ASP B 267 -8.94 -23.25 10.70
CA ASP B 267 -8.96 -23.44 12.16
C ASP B 267 -9.41 -22.15 12.87
N LEU B 268 -8.80 -21.02 12.51
CA LEU B 268 -9.06 -19.80 13.26
C LEU B 268 -10.38 -19.13 12.94
N SER B 269 -10.94 -19.38 11.75
CA SER B 269 -12.18 -18.71 11.36
C SER B 269 -13.43 -19.34 12.02
N LYS B 270 -13.29 -20.53 12.59
CA LYS B 270 -14.43 -21.20 13.23
C LYS B 270 -14.73 -20.51 14.55
N ASP B 271 -16.02 -20.42 14.91
CA ASP B 271 -16.38 -19.82 16.18
C ASP B 271 -15.82 -20.59 17.38
N PRO B 272 -15.50 -19.85 18.47
CA PRO B 272 -15.25 -20.47 19.79
C PRO B 272 -16.47 -21.31 20.19
N LEU B 273 -16.22 -22.37 20.94
CA LEU B 273 -17.29 -23.23 21.48
C LEU B 273 -17.66 -22.73 22.88
N LEU B 274 -18.95 -22.49 23.10
CA LEU B 274 -19.43 -22.09 24.41
C LEU B 274 -20.32 -23.18 24.95
N THR B 275 -19.98 -23.72 26.10
CA THR B 275 -20.88 -24.73 26.70
C THR B 275 -21.19 -24.47 28.17
N PRO B 276 -22.46 -24.14 28.43
CA PRO B 276 -22.87 -23.87 29.81
C PRO B 276 -23.04 -25.19 30.55
N SER B 277 -22.73 -25.16 31.83
CA SER B 277 -22.96 -26.31 32.69
C SER B 277 -23.60 -25.81 33.98
N GLU B 278 -23.58 -26.67 35.00
CA GLU B 278 -24.00 -26.24 36.32
C GLU B 278 -23.15 -25.04 36.73
N ASN B 279 -23.71 -23.85 36.56
CA ASN B 279 -23.14 -22.63 37.12
C ASN B 279 -21.75 -22.26 36.58
N GLU B 280 -21.33 -22.87 35.47
CA GLU B 280 -20.12 -22.45 34.75
C GLU B 280 -20.43 -22.37 33.27
N ILE B 281 -19.72 -21.51 32.53
CA ILE B 281 -19.79 -21.50 31.07
C ILE B 281 -18.37 -21.68 30.59
N ASN B 282 -18.12 -22.80 29.92
CA ASN B 282 -16.79 -23.10 29.41
C ASN B 282 -16.64 -22.61 27.98
N VAL B 283 -15.58 -21.86 27.71
CA VAL B 283 -15.37 -21.35 26.36
C VAL B 283 -14.05 -21.92 25.82
N VAL B 284 -14.08 -22.38 24.58
CA VAL B 284 -12.92 -22.98 23.95
C VAL B 284 -12.67 -22.38 22.57
N TYR B 285 -11.48 -21.80 22.38
CA TYR B 285 -11.06 -21.34 21.07
C TYR B 285 -9.80 -22.10 20.65
N LYS B 286 -8.72 -21.39 20.27
CA LYS B 286 -7.51 -22.09 19.81
C LYS B 286 -6.32 -21.55 20.62
N ASP B 287 -5.43 -22.44 21.02
CA ASP B 287 -4.25 -22.07 21.75
C ASP B 287 -3.39 -21.05 20.97
N LYS B 289 -0.39 -20.97 20.07
CA LYS B 289 0.43 -21.53 18.98
C LYS B 289 -0.20 -21.34 17.58
N TYR B 290 -1.51 -21.40 17.49
CA TYR B 290 -2.23 -21.22 16.21
C TYR B 290 -2.10 -19.80 15.70
N ALA B 291 -2.16 -18.81 16.61
CA ALA B 291 -1.94 -17.40 16.19
C ALA B 291 -0.50 -17.19 15.71
N LEU B 292 0.49 -17.64 16.50
CA LEU B 292 1.90 -17.47 16.11
C LEU B 292 2.20 -18.16 14.80
N SER B 293 1.67 -19.38 14.63
CA SER B 293 1.90 -20.11 13.39
C SER B 293 1.20 -19.43 12.21
N HIS B 294 -0.02 -18.93 12.42
CA HIS B 294 -0.71 -18.20 11.36
C HIS B 294 0.12 -16.98 10.91
N ALA B 295 0.61 -16.20 11.87
CA ALA B 295 1.41 -15.02 11.56
C ALA B 295 2.61 -15.42 10.68
N LEU B 296 3.27 -16.49 11.08
CA LEU B 296 4.43 -17.00 10.32
C LEU B 296 4.09 -17.31 8.86
N PHE B 297 3.09 -18.17 8.65
CA PHE B 297 2.75 -18.52 7.29
C PHE B 297 2.13 -17.38 6.49
N TYR B 298 1.43 -16.47 7.17
CA TYR B 298 0.89 -15.32 6.49
C TYR B 298 2.04 -14.45 5.95
N VAL B 299 3.05 -14.22 6.78
CA VAL B 299 4.25 -13.47 6.31
C VAL B 299 4.95 -14.22 5.16
N ILE B 300 5.12 -15.51 5.33
CA ILE B 300 5.78 -16.33 4.33
C ILE B 300 5.07 -16.27 2.97
N SER B 301 3.74 -16.07 2.98
CA SER B 301 2.93 -16.05 1.75
C SER B 301 3.34 -14.86 0.84
N ARG B 302 4.01 -13.85 1.43
CA ARG B 302 4.61 -12.77 0.64
C ARG B 302 5.56 -13.26 -0.44
N PHE B 303 6.25 -14.36 -0.16
CA PHE B 303 7.35 -14.81 -1.01
C PHE B 303 6.92 -15.83 -2.06
N SER B 304 5.74 -15.68 -2.60
CA SER B 304 5.26 -16.67 -3.60
C SER B 304 5.82 -16.32 -5.00
N GLY B 305 6.06 -17.35 -5.81
CA GLY B 305 6.50 -17.12 -7.18
C GLY B 305 7.99 -17.33 -7.37
N ASN B 306 8.40 -17.55 -8.61
CA ASN B 306 9.79 -17.73 -8.97
C ASN B 306 10.57 -16.48 -8.61
N VAL B 307 11.84 -16.69 -8.27
CA VAL B 307 12.69 -15.61 -7.78
C VAL B 307 13.59 -15.15 -8.94
N ASP B 308 13.17 -14.10 -9.62
CA ASP B 308 14.01 -13.43 -10.59
C ASP B 308 14.94 -12.47 -9.78
N LEU B 309 16.01 -12.05 -10.43
CA LEU B 309 17.04 -11.29 -9.68
C LEU B 309 16.51 -9.97 -9.18
N ASP B 310 15.68 -9.24 -9.95
CA ASP B 310 15.12 -7.98 -9.39
C ASP B 310 14.24 -8.22 -8.18
N THR B 311 13.45 -9.28 -8.21
CA THR B 311 12.65 -9.66 -7.02
C THR B 311 13.56 -9.95 -5.82
N LEU B 312 14.64 -10.73 -6.04
CA LEU B 312 15.59 -11.01 -4.99
C LEU B 312 16.27 -9.74 -4.40
N ARG B 313 16.67 -8.83 -5.29
CA ARG B 313 17.27 -7.55 -4.88
C ARG B 313 16.28 -6.80 -4.00
N HIS B 314 15.02 -6.81 -4.39
CA HIS B 314 13.97 -6.13 -3.63
C HIS B 314 13.81 -6.82 -2.28
N TYR B 315 13.75 -8.16 -2.27
CA TYR B 315 13.65 -8.89 -0.99
C TYR B 315 14.83 -8.53 -0.05
N ALA B 316 16.04 -8.44 -0.60
CA ALA B 316 17.24 -8.12 0.19
C ALA B 316 17.08 -6.71 0.82
N GLU B 317 16.56 -5.77 0.04
CA GLU B 317 16.38 -4.38 0.50
C GLU B 317 15.24 -4.21 1.51
N THR B 318 14.31 -5.15 1.50
CA THR B 318 13.05 -4.96 2.24
C THR B 318 12.89 -5.90 3.44
N TYR B 319 13.44 -7.10 3.33
CA TYR B 319 13.12 -8.17 4.28
C TYR B 319 14.34 -8.83 4.88
N ALA B 320 15.51 -8.22 4.74
CA ALA B 320 16.74 -8.87 5.22
C ALA B 320 17.51 -7.86 6.06
N ASP B 321 18.15 -8.35 7.14
CA ASP B 321 18.99 -7.48 7.97
C ASP B 321 20.22 -7.04 7.15
N LYS B 322 21.00 -6.10 7.68
CA LYS B 322 22.09 -5.51 6.91
C LYS B 322 23.14 -6.49 6.36
N VAL B 323 23.61 -7.43 7.18
CA VAL B 323 24.61 -8.38 6.64
C VAL B 323 24.02 -9.26 5.53
N THR B 324 22.82 -9.78 5.81
CA THR B 324 22.17 -10.69 4.85
C THR B 324 21.87 -9.93 3.53
N ARG B 325 21.37 -8.71 3.63
CA ARG B 325 21.16 -7.82 2.48
C ARG B 325 22.48 -7.67 1.66
N ALA B 326 23.58 -7.43 2.36
CA ALA B 326 24.85 -7.23 1.68
C ALA B 326 25.38 -8.46 0.97
N ILE B 327 25.26 -9.64 1.60
CA ILE B 327 25.73 -10.88 1.03
C ILE B 327 24.87 -11.25 -0.19
N ILE B 328 23.55 -11.16 -0.05
CA ILE B 328 22.66 -11.43 -1.22
C ILE B 328 22.99 -10.52 -2.40
N GLU B 329 23.06 -9.22 -2.11
CA GLU B 329 23.35 -8.23 -3.18
C GLU B 329 24.70 -8.42 -3.82
N ASN B 330 25.68 -8.84 -3.02
CA ASN B 330 26.99 -9.16 -3.56
C ASN B 330 26.94 -10.34 -4.56
N GLU B 331 26.21 -11.40 -4.19
CA GLU B 331 26.09 -12.56 -5.05
C GLU B 331 25.31 -12.18 -6.30
N VAL B 332 24.27 -11.37 -6.15
CA VAL B 332 23.53 -10.95 -7.35
C VAL B 332 24.40 -10.11 -8.29
N ASP B 333 25.21 -9.21 -7.72
CA ASP B 333 26.14 -8.40 -8.53
C ASP B 333 27.03 -9.29 -9.38
N LYS B 334 27.51 -10.39 -8.80
CA LYS B 334 28.36 -11.30 -9.54
C LYS B 334 27.59 -11.98 -10.67
N ILE B 335 26.37 -12.45 -10.37
CA ILE B 335 25.57 -13.10 -11.39
C ILE B 335 25.29 -12.19 -12.57
N GLU B 336 25.02 -10.92 -12.28
CA GLU B 336 24.66 -9.96 -13.31
C GLU B 336 25.82 -9.59 -14.25
N LYS B 337 27.06 -10.00 -13.92
CA LYS B 337 28.16 -9.82 -14.88
C LYS B 337 28.03 -10.72 -16.12
N TYR B 338 27.31 -11.83 -15.98
CA TYR B 338 27.24 -12.86 -17.00
C TYR B 338 26.02 -12.75 -17.91
N GLN B 339 26.20 -13.14 -19.17
CA GLN B 339 25.09 -13.44 -20.05
C GLN B 339 24.53 -14.81 -19.73
N GLY B 341 22.13 -18.14 -20.03
CA GLY B 341 21.44 -19.02 -21.00
C GLY B 341 20.03 -19.43 -20.57
N SER B 342 19.30 -20.11 -21.45
CA SER B 342 17.91 -20.45 -21.13
C SER B 342 17.76 -21.78 -20.42
N GLU B 343 18.81 -22.61 -20.53
CA GLU B 343 18.92 -23.90 -19.85
C GLU B 343 19.48 -23.74 -18.41
N ARG B 344 18.89 -24.45 -17.45
CA ARG B 344 19.31 -24.38 -16.04
C ARG B 344 20.71 -24.94 -15.78
N LYS B 345 21.57 -24.11 -15.20
CA LYS B 345 22.93 -24.52 -14.86
C LYS B 345 23.19 -24.10 -13.43
N LEU B 346 23.97 -24.92 -12.70
CA LEU B 346 24.41 -24.52 -11.38
C LEU B 346 25.23 -23.23 -11.46
N LEU B 347 25.07 -22.33 -10.48
CA LEU B 347 25.89 -21.13 -10.40
C LEU B 347 27.36 -21.41 -10.63
N GLY B 348 27.86 -22.47 -9.98
CA GLY B 348 29.26 -22.84 -10.13
C GLY B 348 29.68 -23.14 -11.57
N GLU B 349 28.74 -23.56 -12.42
CA GLU B 349 29.07 -23.88 -13.84
C GLU B 349 29.50 -22.60 -14.56
N TYR B 350 28.90 -21.47 -14.17
CA TYR B 350 29.31 -20.14 -14.67
C TYR B 350 30.53 -19.60 -13.98
N LYS B 352 32.77 -21.25 -11.31
CA LYS B 352 33.81 -22.08 -10.68
C LYS B 352 34.55 -22.98 -11.67
N VAL B 353 35.88 -23.04 -11.51
CA VAL B 353 36.73 -23.87 -12.38
C VAL B 353 36.63 -25.36 -12.01
N GLU B 354 37.03 -26.20 -12.96
CA GLU B 354 37.16 -27.64 -12.76
C GLU B 354 38.27 -27.95 -11.76
N GLY B 355 38.04 -29.00 -10.96
CA GLY B 355 38.94 -29.35 -9.86
C GLY B 355 38.40 -28.78 -8.57
N LYS B 356 39.05 -29.09 -7.46
CA LYS B 356 38.58 -28.53 -6.18
C LYS B 356 38.93 -27.05 -5.96
N GLY B 357 38.44 -26.52 -4.84
CA GLY B 357 38.79 -25.19 -4.36
C GLY B 357 39.18 -25.25 -2.89
N ILE B 362 28.60 -23.32 0.95
CA ILE B 362 27.62 -23.73 1.94
C ILE B 362 26.63 -22.56 2.10
N LEU B 363 25.50 -22.89 2.68
CA LEU B 363 24.27 -22.18 2.47
C LEU B 363 24.32 -20.72 2.94
N TYR B 364 24.65 -20.53 4.22
CA TYR B 364 24.45 -19.21 4.80
C TYR B 364 25.56 -18.22 4.41
N ALA B 365 26.79 -18.72 4.21
CA ALA B 365 27.89 -17.83 3.81
C ALA B 365 27.68 -17.22 2.41
N HIS B 366 26.81 -17.84 1.61
CA HIS B 366 26.41 -17.28 0.32
C HIS B 366 25.00 -16.70 0.34
N GLY B 367 24.48 -16.39 1.53
CA GLY B 367 23.17 -15.74 1.67
C GLY B 367 22.08 -16.53 1.00
N GLY B 368 22.23 -17.86 0.99
CA GLY B 368 21.23 -18.77 0.38
C GLY B 368 21.43 -19.11 -1.09
N LEU B 369 22.55 -18.67 -1.67
CA LEU B 369 22.89 -18.94 -3.06
C LEU B 369 24.19 -19.77 -3.19
N PRO B 370 24.24 -20.95 -2.53
CA PRO B 370 25.48 -21.73 -2.66
C PRO B 370 25.69 -22.19 -4.11
N TYR B 371 26.95 -22.19 -4.55
CA TYR B 371 27.23 -22.42 -5.97
C TYR B 371 26.92 -23.83 -6.50
N ALA B 372 27.02 -24.81 -5.61
CA ALA B 372 26.74 -26.18 -5.96
C ALA B 372 25.28 -26.60 -5.75
N GLY B 373 24.49 -25.70 -5.18
CA GLY B 373 23.12 -26.00 -4.81
C GLY B 373 22.05 -25.08 -5.38
N THR B 374 22.47 -24.11 -6.21
CA THR B 374 21.53 -23.18 -6.82
C THR B 374 21.69 -23.14 -8.33
N TYR B 375 20.58 -23.33 -9.07
CA TYR B 375 20.58 -23.17 -10.53
C TYR B 375 20.25 -21.74 -10.91
N VAL B 376 20.69 -21.36 -12.11
CA VAL B 376 20.35 -20.07 -12.70
C VAL B 376 19.97 -20.29 -14.18
N TYR B 377 19.08 -19.45 -14.69
CA TYR B 377 18.65 -19.51 -16.08
C TYR B 377 17.95 -18.23 -16.43
N LYS B 378 17.84 -17.96 -17.74
CA LYS B 378 17.13 -16.79 -18.21
C LYS B 378 15.88 -17.20 -18.99
N GLU B 379 14.75 -16.56 -18.70
CA GLU B 379 13.52 -16.74 -19.47
C GLU B 379 12.74 -15.43 -19.60
N LYS B 380 12.26 -15.12 -20.81
CA LYS B 380 11.32 -13.97 -21.00
C LYS B 380 11.78 -12.70 -20.20
N ASP B 381 13.00 -12.31 -20.52
CA ASP B 381 13.67 -11.07 -20.07
C ASP B 381 14.11 -11.07 -18.63
N LYS B 382 13.96 -12.17 -17.91
CA LYS B 382 14.37 -12.19 -16.50
C LYS B 382 15.31 -13.35 -16.22
N VAL B 383 16.29 -13.11 -15.33
CA VAL B 383 17.15 -14.20 -14.84
C VAL B 383 16.59 -14.71 -13.53
N TYR B 384 16.51 -16.02 -13.40
CA TYR B 384 15.93 -16.67 -12.22
C TYR B 384 16.97 -17.48 -11.46
N VAL B 385 16.79 -17.57 -10.14
CA VAL B 385 17.58 -18.53 -9.34
C VAL B 385 16.64 -19.51 -8.69
N THR B 386 17.02 -20.79 -8.63
CA THR B 386 16.10 -21.80 -8.08
C THR B 386 16.94 -22.92 -7.48
N TYR B 387 16.44 -23.56 -6.44
CA TYR B 387 17.13 -24.75 -5.97
C TYR B 387 16.86 -26.01 -6.80
N GLY B 388 15.77 -25.98 -7.57
CA GLY B 388 15.36 -27.16 -8.37
C GLY B 388 15.41 -28.42 -7.53
N ASP B 389 16.08 -29.44 -8.05
CA ASP B 389 16.14 -30.76 -7.40
C ASP B 389 17.13 -30.80 -6.22
N LYS B 390 17.74 -29.66 -5.86
CA LYS B 390 18.71 -29.59 -4.79
C LYS B 390 18.04 -29.10 -3.49
N ILE B 391 16.72 -28.86 -3.51
CA ILE B 391 16.04 -28.27 -2.35
C ILE B 391 16.16 -29.10 -1.06
N ASP B 392 16.17 -30.43 -1.16
CA ASP B 392 16.29 -31.26 0.06
C ASP B 392 17.60 -31.03 0.81
N GLU B 393 18.68 -30.88 0.04
CA GLU B 393 20.01 -30.64 0.54
C GLU B 393 20.07 -29.25 1.18
N ILE B 394 19.31 -28.30 0.62
CA ILE B 394 19.28 -26.96 1.20
C ILE B 394 18.56 -27.09 2.54
N GLU B 395 17.43 -27.77 2.52
CA GLU B 395 16.60 -27.89 3.71
C GLU B 395 17.32 -28.52 4.92
N ARG B 396 18.13 -29.55 4.67
CA ARG B 396 19.01 -30.17 5.67
C ARG B 396 19.89 -29.15 6.39
N GLN B 397 20.27 -28.08 5.69
CA GLN B 397 21.24 -27.11 6.18
C GLN B 397 20.60 -25.92 6.91
N ILE B 398 19.28 -25.78 6.83
CA ILE B 398 18.61 -24.62 7.48
C ILE B 398 18.86 -24.54 9.01
#